data_2ZJ2
#
_entry.id   2ZJ2
#
_cell.length_a   117.269
_cell.length_b   83.441
_cell.length_c   95.019
_cell.angle_alpha   90.00
_cell.angle_beta   120.69
_cell.angle_gamma   90.00
#
_symmetry.space_group_name_H-M   'C 1 2 1'
#
loop_
_entity.id
_entity.type
_entity.pdbx_description
1 polymer 'Putative ski2-type helicase'
2 non-polymer 'SULFATE ION'
3 water water
#
_entity_poly.entity_id   1
_entity_poly.type   'polypeptide(L)'
_entity_poly.pdbx_seq_one_letter_code
;MRVDELRVDERIKSTLKERGIESFYPPQAEALKSGILEGKNALISIPTASGKTLIAEIAMVHRILTQGGKAVYIVPLKAL
AEEKFQEFQDWEKIGLRVAMATGDYDSKDEWLGKYDIIIATAEKFDSLLRHGSSWIKDVKILVADEIHLIGSRDRGATLE
VILAHMLGKAQIIGLSATIGNPEELAEWLNAELIVSDWRPVKLRRGVFYQGFVTWEDGSIDRFSSWEELVYDAIRKKKGA
LIFVNMRRKAERVALELSKKVKSLLTKPEIRALNELADSLEENPTNEKLAKAIRGGVAFHHAGLGRDERVLVEENFRKGI
IKAVVATPTLSAGINTPAFRVIIRDIWRYSDFGMERIPIIEVHQMLGRAGRPKYDEVGEGIIVSTSDDPREVMNHYIFGK
PEKLFSQLSNESNLRSQVLALIATFGYSTVEEILKFISNTFYAYQRKDTYSLEEKIRNILYFLLENEFIEISLEDKIRPL
SLGIRTAKLYIDPYTAKMFKDKMEEVVKDPNPIGIFHLISLTPDITPFNYSKREFERLEEEYYEFKDRLYFDDPYISGYD
PYLERKFFRAFKTALVLLAWINEVPEGEIVEKYSVEPGDIYRIVETAEWLVYSLKEIAKVLGAYEIVDYLETLRVRVKYG
IREELIPLMQLPLVGRRRARALYNSGFRSIEDISQARPEELLKIEGIGVKTVEAIFKFLGKNVKISEKPRKSTLDYFLKS
;
_entity_poly.pdbx_strand_id   A
#
loop_
_chem_comp.id
_chem_comp.type
_chem_comp.name
_chem_comp.formula
SO4 non-polymer 'SULFATE ION' 'O4 S -2'
#
# COMPACT_ATOMS: atom_id res chain seq x y z
N MET A 1 18.06 -0.52 28.76
CA MET A 1 16.89 -0.49 29.69
C MET A 1 16.21 -1.85 29.84
N ARG A 2 15.94 -2.24 31.09
CA ARG A 2 15.27 -3.53 31.35
C ARG A 2 13.75 -3.31 31.40
N VAL A 3 13.00 -4.20 30.76
CA VAL A 3 11.55 -4.04 30.74
C VAL A 3 11.00 -3.67 32.11
N ASP A 4 11.68 -4.08 33.18
CA ASP A 4 11.20 -3.77 34.53
C ASP A 4 11.50 -2.37 35.01
N GLU A 5 12.38 -1.66 34.30
CA GLU A 5 12.70 -0.30 34.69
C GLU A 5 11.66 0.59 34.02
N LEU A 6 10.83 -0.03 33.18
CA LEU A 6 9.81 0.71 32.47
C LEU A 6 8.65 1.02 33.41
N ARG A 7 8.37 2.30 33.57
CA ARG A 7 7.29 2.76 34.43
C ARG A 7 5.92 2.54 33.75
N VAL A 8 5.50 1.29 33.62
CA VAL A 8 4.20 0.96 33.01
C VAL A 8 3.52 -0.22 33.69
N ASP A 9 2.20 -0.30 33.56
CA ASP A 9 1.45 -1.38 34.20
C ASP A 9 2.11 -2.73 33.98
N GLU A 10 2.09 -3.56 35.03
CA GLU A 10 2.66 -4.89 34.97
C GLU A 10 2.09 -5.68 33.80
N ARG A 11 0.84 -5.39 33.43
CA ARG A 11 0.23 -6.12 32.32
C ARG A 11 1.06 -6.02 31.04
N ILE A 12 1.69 -4.88 30.82
CA ILE A 12 2.52 -4.68 29.63
C ILE A 12 3.86 -5.38 29.81
N LYS A 13 4.46 -5.26 31.00
CA LYS A 13 5.75 -5.87 31.29
C LYS A 13 5.62 -7.36 31.16
N SER A 14 4.50 -7.87 31.62
CA SER A 14 4.21 -9.29 31.56
C SER A 14 4.10 -9.79 30.13
N THR A 15 3.35 -9.06 29.29
CA THR A 15 3.16 -9.46 27.90
C THR A 15 4.48 -9.46 27.11
N LEU A 16 5.35 -8.49 27.40
CA LEU A 16 6.64 -8.42 26.74
C LEU A 16 7.53 -9.61 27.11
N LYS A 17 7.60 -9.92 28.40
CA LYS A 17 8.40 -11.05 28.89
C LYS A 17 8.01 -12.32 28.13
N GLU A 18 6.71 -12.57 28.04
CA GLU A 18 6.21 -13.74 27.33
C GLU A 18 6.77 -13.74 25.90
N ARG A 19 7.05 -12.54 25.41
CA ARG A 19 7.58 -12.35 24.07
C ARG A 19 9.08 -12.60 23.97
N GLY A 20 9.73 -12.80 25.10
CA GLY A 20 11.16 -13.04 25.08
C GLY A 20 11.94 -11.76 25.30
N ILE A 21 11.24 -10.63 25.29
CA ILE A 21 11.88 -9.34 25.51
C ILE A 21 12.14 -9.11 26.98
N GLU A 22 13.37 -8.76 27.33
CA GLU A 22 13.71 -8.51 28.72
C GLU A 22 14.26 -7.10 28.82
N SER A 23 14.83 -6.63 27.72
CA SER A 23 15.42 -5.29 27.69
C SER A 23 15.12 -4.55 26.39
N PHE A 24 15.37 -3.25 26.40
CA PHE A 24 15.15 -2.40 25.24
C PHE A 24 16.47 -1.96 24.58
N TYR A 25 16.45 -1.82 23.25
CA TYR A 25 17.60 -1.35 22.50
C TYR A 25 17.81 0.10 22.90
N PRO A 26 19.05 0.60 22.82
CA PRO A 26 19.24 2.00 23.19
C PRO A 26 18.26 2.99 22.54
N PRO A 27 17.93 2.79 21.25
CA PRO A 27 16.99 3.71 20.58
C PRO A 27 15.58 3.61 21.17
N GLN A 28 15.16 2.39 21.48
CA GLN A 28 13.83 2.17 22.08
C GLN A 28 13.75 2.90 23.42
N ALA A 29 14.78 2.75 24.24
CA ALA A 29 14.80 3.39 25.55
C ALA A 29 14.70 4.91 25.43
N GLU A 30 15.43 5.50 24.48
CA GLU A 30 15.39 6.94 24.31
C GLU A 30 13.96 7.39 24.01
N ALA A 31 13.30 6.65 23.13
CA ALA A 31 11.93 6.94 22.73
C ALA A 31 10.99 6.77 23.91
N LEU A 32 11.16 5.70 24.67
CA LEU A 32 10.30 5.45 25.83
C LEU A 32 10.45 6.46 26.97
N LYS A 33 11.54 7.22 26.98
CA LYS A 33 11.79 8.20 28.03
C LYS A 33 11.72 9.64 27.50
N SER A 34 11.10 9.84 26.36
CA SER A 34 11.03 11.18 25.75
C SER A 34 9.79 11.97 26.07
N GLY A 35 8.77 11.29 26.60
CA GLY A 35 7.53 11.96 26.92
C GLY A 35 6.33 11.29 26.28
N ILE A 36 6.54 10.20 25.55
CA ILE A 36 5.42 9.53 24.93
C ILE A 36 4.54 8.85 25.97
N LEU A 37 5.13 8.39 27.07
CA LEU A 37 4.35 7.72 28.10
C LEU A 37 3.49 8.74 28.85
N GLU A 38 3.86 10.02 28.71
CA GLU A 38 3.12 11.10 29.35
C GLU A 38 2.27 11.86 28.33
N GLY A 39 1.90 11.19 27.24
CA GLY A 39 1.06 11.83 26.23
C GLY A 39 1.66 12.67 25.12
N LYS A 40 2.92 13.10 25.24
CA LYS A 40 3.53 13.92 24.21
C LYS A 40 3.64 13.27 22.82
N ASN A 41 3.52 14.06 21.77
CA ASN A 41 3.67 13.54 20.41
C ASN A 41 5.15 13.26 20.20
N ALA A 42 5.46 12.36 19.28
CA ALA A 42 6.85 12.04 19.01
C ALA A 42 7.04 11.54 17.58
N LEU A 43 8.22 11.78 17.03
CA LEU A 43 8.56 11.32 15.70
C LEU A 43 9.78 10.43 15.88
N ILE A 44 9.59 9.13 15.65
CA ILE A 44 10.66 8.16 15.81
C ILE A 44 11.34 7.77 14.52
N SER A 45 12.54 8.28 14.32
CA SER A 45 13.32 8.01 13.13
C SER A 45 14.54 7.15 13.50
N ILE A 46 14.35 5.84 13.43
CA ILE A 46 15.39 4.88 13.75
C ILE A 46 15.19 3.68 12.84
N PRO A 47 16.21 2.84 12.70
CA PRO A 47 16.16 1.65 11.86
C PRO A 47 15.02 0.70 12.17
N THR A 48 14.38 0.17 11.15
CA THR A 48 13.26 -0.75 11.36
C THR A 48 13.71 -1.92 12.22
N ALA A 49 14.96 -2.32 12.04
CA ALA A 49 15.55 -3.43 12.76
C ALA A 49 15.69 -3.15 14.25
N SER A 50 15.41 -1.91 14.64
CA SER A 50 15.51 -1.56 16.05
C SER A 50 14.15 -1.53 16.74
N GLY A 51 13.16 -2.17 16.13
CA GLY A 51 11.82 -2.24 16.71
C GLY A 51 11.06 -0.95 16.93
N LYS A 52 10.70 -0.27 15.84
CA LYS A 52 9.93 0.96 15.96
C LYS A 52 8.52 0.57 16.42
N THR A 53 8.03 -0.53 15.89
CA THR A 53 6.70 -1.01 16.21
C THR A 53 6.48 -1.29 17.69
N LEU A 54 7.50 -1.74 18.39
CA LEU A 54 7.34 -2.05 19.81
C LEU A 54 7.13 -0.78 20.63
N ILE A 55 7.79 0.30 20.21
CA ILE A 55 7.67 1.56 20.91
C ILE A 55 6.26 2.11 20.77
N ALA A 56 5.60 1.76 19.67
CA ALA A 56 4.26 2.21 19.40
C ALA A 56 3.24 1.41 20.21
N GLU A 57 3.40 0.08 20.21
CA GLU A 57 2.50 -0.80 20.96
C GLU A 57 2.48 -0.38 22.42
N ILE A 58 3.67 -0.24 22.99
CA ILE A 58 3.81 0.11 24.38
C ILE A 58 3.20 1.45 24.71
N ALA A 59 3.35 2.43 23.83
CA ALA A 59 2.78 3.74 24.08
C ALA A 59 1.26 3.70 23.87
N MET A 60 0.78 2.82 22.99
CA MET A 60 -0.65 2.70 22.71
C MET A 60 -1.37 2.07 23.90
N VAL A 61 -0.92 0.87 24.26
CA VAL A 61 -1.49 0.16 25.38
C VAL A 61 -1.40 0.97 26.67
N HIS A 62 -0.23 1.54 26.93
CA HIS A 62 -0.05 2.33 28.14
C HIS A 62 -1.06 3.48 28.14
N ARG A 63 -1.34 3.98 26.95
CA ARG A 63 -2.27 5.08 26.76
C ARG A 63 -3.67 4.65 27.16
N ILE A 64 -4.13 3.56 26.55
CA ILE A 64 -5.44 3.00 26.82
C ILE A 64 -5.61 2.66 28.31
N LEU A 65 -4.71 1.86 28.86
CA LEU A 65 -4.78 1.47 30.26
C LEU A 65 -4.84 2.64 31.26
N THR A 66 -4.08 3.69 31.00
CA THR A 66 -4.06 4.86 31.88
C THR A 66 -5.19 5.87 31.64
N GLN A 67 -5.90 5.75 30.51
CA GLN A 67 -6.95 6.74 30.25
C GLN A 67 -8.10 6.28 29.36
N GLY A 68 -8.30 4.97 29.27
CA GLY A 68 -9.37 4.46 28.45
C GLY A 68 -9.28 5.01 27.05
N GLY A 69 -10.30 4.74 26.24
CA GLY A 69 -10.29 5.23 24.90
C GLY A 69 -9.70 4.18 23.99
N LYS A 70 -9.50 4.55 22.73
CA LYS A 70 -8.97 3.64 21.75
C LYS A 70 -7.66 4.14 21.14
N ALA A 71 -6.96 3.23 20.48
CA ALA A 71 -5.71 3.55 19.84
C ALA A 71 -5.85 3.17 18.37
N VAL A 72 -5.40 4.07 17.50
CA VAL A 72 -5.46 3.81 16.06
C VAL A 72 -4.08 3.60 15.45
N TYR A 73 -3.93 2.50 14.74
CA TYR A 73 -2.66 2.20 14.09
C TYR A 73 -2.90 2.31 12.59
N ILE A 74 -2.35 3.35 11.98
CA ILE A 74 -2.51 3.58 10.55
C ILE A 74 -1.39 2.87 9.80
N VAL A 75 -1.77 2.00 8.88
CA VAL A 75 -0.80 1.24 8.13
C VAL A 75 -0.85 1.63 6.65
N PRO A 76 0.32 1.72 5.99
CA PRO A 76 0.54 2.07 4.58
C PRO A 76 -0.36 1.42 3.55
N LEU A 77 -0.56 0.10 3.66
CA LEU A 77 -1.35 -0.60 2.67
C LEU A 77 -2.20 -1.70 3.30
N LYS A 78 -3.42 -1.88 2.80
CA LYS A 78 -4.29 -2.91 3.34
C LYS A 78 -3.75 -4.29 3.05
N ALA A 79 -2.53 -4.55 3.52
CA ALA A 79 -1.87 -5.83 3.32
C ALA A 79 -0.82 -6.00 4.40
N LEU A 80 -0.34 -4.86 4.91
CA LEU A 80 0.64 -4.87 5.99
C LEU A 80 -0.21 -4.73 7.25
N ALA A 81 -1.53 -4.82 7.08
CA ALA A 81 -2.49 -4.71 8.17
C ALA A 81 -2.73 -6.06 8.85
N GLU A 82 -2.78 -7.12 8.03
CA GLU A 82 -2.99 -8.47 8.54
C GLU A 82 -1.78 -8.96 9.33
N GLU A 83 -0.61 -8.39 9.06
CA GLU A 83 0.59 -8.78 9.78
C GLU A 83 0.63 -8.00 11.08
N LYS A 84 0.07 -6.80 11.04
CA LYS A 84 0.03 -5.95 12.21
C LYS A 84 -1.06 -6.48 13.12
N PHE A 85 -2.02 -7.16 12.51
CA PHE A 85 -3.14 -7.72 13.24
C PHE A 85 -2.66 -8.97 13.99
N GLN A 86 -1.88 -9.81 13.30
CA GLN A 86 -1.38 -11.01 13.93
C GLN A 86 -0.46 -10.67 15.09
N GLU A 87 0.44 -9.71 14.90
CA GLU A 87 1.36 -9.36 15.97
C GLU A 87 0.72 -8.59 17.12
N PHE A 88 -0.49 -8.08 16.91
CA PHE A 88 -1.20 -7.36 17.95
C PHE A 88 -2.22 -8.27 18.69
N GLN A 89 -2.14 -9.57 18.45
CA GLN A 89 -3.05 -10.49 19.10
C GLN A 89 -2.73 -10.67 20.59
N ASP A 90 -1.45 -10.80 20.92
CA ASP A 90 -1.05 -11.00 22.30
C ASP A 90 -1.54 -9.92 23.25
N TRP A 91 -2.11 -8.84 22.71
CA TRP A 91 -2.61 -7.80 23.58
C TRP A 91 -4.01 -8.15 24.11
N GLU A 92 -4.62 -9.17 23.53
CA GLU A 92 -5.93 -9.59 23.96
C GLU A 92 -5.81 -10.43 25.23
N LYS A 93 -4.59 -10.89 25.52
CA LYS A 93 -4.39 -11.71 26.71
C LYS A 93 -4.65 -10.87 27.95
N ILE A 94 -4.55 -9.56 27.79
CA ILE A 94 -4.82 -8.64 28.91
C ILE A 94 -6.17 -7.96 28.72
N GLY A 95 -7.01 -8.55 27.87
CA GLY A 95 -8.34 -8.03 27.62
C GLY A 95 -8.53 -6.92 26.61
N LEU A 96 -7.52 -6.67 25.78
CA LEU A 96 -7.62 -5.62 24.78
C LEU A 96 -8.25 -6.15 23.50
N ARG A 97 -9.15 -5.36 22.93
CA ARG A 97 -9.85 -5.74 21.72
C ARG A 97 -9.13 -5.16 20.50
N VAL A 98 -8.61 -6.03 19.64
CA VAL A 98 -7.91 -5.58 18.44
C VAL A 98 -8.76 -5.81 17.21
N ALA A 99 -9.03 -4.74 16.46
CA ALA A 99 -9.82 -4.85 15.24
C ALA A 99 -9.01 -4.38 14.03
N MET A 100 -9.45 -4.82 12.86
CA MET A 100 -8.80 -4.46 11.61
C MET A 100 -9.86 -3.93 10.64
N ALA A 101 -9.67 -2.70 10.17
CA ALA A 101 -10.59 -2.07 9.22
C ALA A 101 -9.81 -1.59 7.98
N THR A 102 -10.14 -2.16 6.83
CA THR A 102 -9.42 -1.81 5.60
C THR A 102 -10.21 -1.20 4.44
N GLY A 103 -11.26 -1.88 3.98
CA GLY A 103 -12.03 -1.34 2.85
C GLY A 103 -13.43 -0.89 3.23
N ASP A 104 -14.40 -1.19 2.37
CA ASP A 104 -15.80 -0.84 2.62
C ASP A 104 -15.87 0.63 3.06
N TYR A 105 -15.45 1.53 2.16
CA TYR A 105 -15.40 2.97 2.42
C TYR A 105 -16.72 3.67 2.74
N ASP A 106 -17.83 3.09 2.29
CA ASP A 106 -19.14 3.70 2.52
C ASP A 106 -19.89 3.23 3.78
N SER A 107 -19.29 3.38 4.95
CA SER A 107 -19.96 3.01 6.19
C SER A 107 -19.28 3.64 7.39
N LYS A 108 -20.04 3.89 8.46
CA LYS A 108 -19.47 4.48 9.66
C LYS A 108 -18.81 3.36 10.45
N ASP A 109 -19.17 2.12 10.15
CA ASP A 109 -18.63 0.98 10.87
C ASP A 109 -18.74 1.22 12.39
N GLU A 110 -19.95 1.42 12.90
CA GLU A 110 -20.11 1.65 14.34
C GLU A 110 -19.72 0.43 15.16
N TRP A 111 -19.63 -0.73 14.52
CA TRP A 111 -19.26 -1.94 15.22
C TRP A 111 -17.84 -1.90 15.78
N LEU A 112 -17.03 -0.95 15.31
CA LEU A 112 -15.66 -0.81 15.78
C LEU A 112 -15.60 -0.13 17.14
N GLY A 113 -16.75 0.35 17.60
CA GLY A 113 -16.80 1.03 18.88
C GLY A 113 -16.49 0.15 20.08
N LYS A 114 -16.44 -1.16 19.88
CA LYS A 114 -16.17 -2.04 21.00
C LYS A 114 -14.75 -2.59 21.02
N TYR A 115 -13.88 -2.00 20.22
CA TYR A 115 -12.50 -2.42 20.17
C TYR A 115 -11.62 -1.36 20.79
N ASP A 116 -10.44 -1.76 21.24
CA ASP A 116 -9.51 -0.84 21.87
C ASP A 116 -8.40 -0.39 20.94
N ILE A 117 -7.95 -1.32 20.11
CA ILE A 117 -6.86 -1.09 19.16
C ILE A 117 -7.42 -1.34 17.77
N ILE A 118 -7.39 -0.30 16.93
CA ILE A 118 -7.91 -0.39 15.58
C ILE A 118 -6.81 -0.18 14.57
N ILE A 119 -6.67 -1.12 13.65
CA ILE A 119 -5.66 -1.03 12.61
C ILE A 119 -6.35 -0.63 11.31
N ALA A 120 -5.83 0.37 10.61
CA ALA A 120 -6.42 0.79 9.34
C ALA A 120 -5.47 1.54 8.43
N THR A 121 -5.79 1.57 7.14
CA THR A 121 -4.98 2.29 6.17
C THR A 121 -5.41 3.76 6.30
N ALA A 122 -4.63 4.66 5.74
CA ALA A 122 -4.97 6.08 5.81
C ALA A 122 -6.31 6.36 5.12
N GLU A 123 -6.56 5.75 3.97
CA GLU A 123 -7.80 5.98 3.24
C GLU A 123 -9.03 5.57 4.06
N LYS A 124 -8.99 4.35 4.60
CA LYS A 124 -10.09 3.83 5.39
C LYS A 124 -10.42 4.74 6.57
N PHE A 125 -9.39 5.22 7.26
CA PHE A 125 -9.60 6.09 8.40
C PHE A 125 -10.12 7.44 7.96
N ASP A 126 -9.61 7.93 6.84
CA ASP A 126 -10.03 9.21 6.31
C ASP A 126 -11.53 9.17 6.06
N SER A 127 -12.02 8.06 5.51
CA SER A 127 -13.44 7.93 5.22
C SER A 127 -14.27 7.75 6.49
N LEU A 128 -13.71 7.07 7.48
CA LEU A 128 -14.43 6.89 8.74
C LEU A 128 -14.65 8.28 9.33
N LEU A 129 -13.65 9.14 9.23
CA LEU A 129 -13.77 10.51 9.74
C LEU A 129 -14.84 11.26 8.96
N ARG A 130 -14.97 10.96 7.67
CA ARG A 130 -15.96 11.62 6.84
C ARG A 130 -17.36 11.20 7.28
N HIS A 131 -17.51 9.91 7.52
CA HIS A 131 -18.80 9.37 7.95
C HIS A 131 -19.11 9.79 9.39
N GLY A 132 -18.13 10.37 10.07
CA GLY A 132 -18.33 10.82 11.43
C GLY A 132 -18.59 9.74 12.46
N SER A 133 -17.91 8.61 12.32
CA SER A 133 -18.05 7.50 13.26
C SER A 133 -18.09 8.00 14.71
N SER A 134 -19.07 7.49 15.44
CA SER A 134 -19.30 7.82 16.84
C SER A 134 -18.11 7.68 17.79
N TRP A 135 -17.33 6.61 17.64
CA TRP A 135 -16.18 6.33 18.50
C TRP A 135 -14.90 7.14 18.28
N ILE A 136 -14.77 7.79 17.14
CA ILE A 136 -13.59 8.58 16.83
C ILE A 136 -13.23 9.56 17.95
N LYS A 137 -14.25 10.08 18.64
CA LYS A 137 -13.99 11.02 19.73
C LYS A 137 -13.34 10.30 20.92
N ASP A 138 -13.36 8.98 20.89
CA ASP A 138 -12.74 8.21 21.95
C ASP A 138 -11.28 7.85 21.64
N VAL A 139 -10.85 8.08 20.41
CA VAL A 139 -9.47 7.80 20.01
C VAL A 139 -8.59 8.79 20.77
N LYS A 140 -7.62 8.28 21.53
CA LYS A 140 -6.74 9.13 22.33
C LYS A 140 -5.32 9.14 21.80
N ILE A 141 -5.03 8.24 20.89
CA ILE A 141 -3.70 8.17 20.33
C ILE A 141 -3.74 7.51 18.96
N LEU A 142 -2.96 8.06 18.04
CA LEU A 142 -2.90 7.52 16.69
C LEU A 142 -1.44 7.37 16.27
N VAL A 143 -1.12 6.17 15.82
CA VAL A 143 0.23 5.85 15.39
C VAL A 143 0.27 5.72 13.88
N ALA A 144 1.14 6.49 13.24
CA ALA A 144 1.25 6.44 11.78
C ALA A 144 2.54 5.73 11.40
N ASP A 145 2.41 4.54 10.82
CA ASP A 145 3.58 3.79 10.42
C ASP A 145 4.13 4.27 9.07
N GLU A 146 5.45 4.30 8.94
CA GLU A 146 6.07 4.75 7.70
C GLU A 146 5.50 6.12 7.36
N ILE A 147 5.44 6.98 8.37
CA ILE A 147 4.89 8.31 8.22
C ILE A 147 5.58 9.10 7.11
N HIS A 148 6.79 8.67 6.74
CA HIS A 148 7.54 9.36 5.69
C HIS A 148 6.87 9.26 4.32
N LEU A 149 5.91 8.35 4.18
CA LEU A 149 5.21 8.21 2.90
C LEU A 149 4.34 9.46 2.68
N ILE A 150 4.35 10.36 3.65
CA ILE A 150 3.60 11.60 3.53
C ILE A 150 4.20 12.34 2.32
N GLY A 151 5.43 11.98 1.98
CA GLY A 151 6.11 12.60 0.86
C GLY A 151 5.82 11.90 -0.45
N SER A 152 4.93 10.92 -0.45
CA SER A 152 4.58 10.20 -1.66
C SER A 152 3.52 10.97 -2.45
N ARG A 153 3.84 11.20 -3.73
CA ARG A 153 3.00 11.93 -4.67
C ARG A 153 1.60 11.33 -4.75
N ASP A 154 1.55 10.01 -4.70
CA ASP A 154 0.31 9.25 -4.79
C ASP A 154 -0.65 9.47 -3.62
N ARG A 155 -0.42 8.73 -2.54
CA ARG A 155 -1.29 8.82 -1.36
C ARG A 155 -0.81 9.61 -0.14
N GLY A 156 0.33 10.26 -0.25
CA GLY A 156 0.85 11.01 0.89
C GLY A 156 -0.10 12.07 1.40
N ALA A 157 -0.91 12.64 0.51
CA ALA A 157 -1.84 13.68 0.91
C ALA A 157 -2.89 13.18 1.88
N THR A 158 -3.35 11.95 1.68
CA THR A 158 -4.35 11.35 2.55
C THR A 158 -3.80 11.28 3.98
N LEU A 159 -2.58 10.75 4.10
CA LEU A 159 -1.95 10.63 5.40
C LEU A 159 -1.83 12.00 6.03
N GLU A 160 -1.42 12.99 5.26
CA GLU A 160 -1.29 14.34 5.78
C GLU A 160 -2.63 14.86 6.28
N VAL A 161 -3.69 14.63 5.50
CA VAL A 161 -5.04 15.07 5.84
C VAL A 161 -5.54 14.52 7.18
N ILE A 162 -5.56 13.21 7.36
CA ILE A 162 -6.06 12.68 8.64
C ILE A 162 -5.19 13.18 9.79
N LEU A 163 -3.88 13.28 9.58
CA LEU A 163 -3.01 13.77 10.63
C LEU A 163 -3.35 15.22 10.96
N ALA A 164 -3.75 15.97 9.94
CA ALA A 164 -4.10 17.38 10.14
C ALA A 164 -5.40 17.47 10.91
N HIS A 165 -6.27 16.48 10.73
CA HIS A 165 -7.55 16.47 11.42
C HIS A 165 -7.38 16.07 12.89
N MET A 166 -6.42 15.19 13.16
CA MET A 166 -6.19 14.66 14.51
C MET A 166 -5.22 15.41 15.42
N LEU A 167 -4.31 16.20 14.85
CA LEU A 167 -3.36 16.96 15.65
C LEU A 167 -4.08 17.79 16.70
N GLY A 168 -3.57 17.75 17.92
CA GLY A 168 -4.17 18.51 19.00
C GLY A 168 -5.48 17.93 19.53
N LYS A 169 -5.85 16.75 19.06
CA LYS A 169 -7.08 16.08 19.50
C LYS A 169 -6.72 14.73 20.07
N ALA A 170 -5.48 14.31 19.82
CA ALA A 170 -5.01 13.04 20.31
C ALA A 170 -3.50 12.96 20.19
N GLN A 171 -2.89 12.08 20.98
CA GLN A 171 -1.45 11.92 20.92
C GLN A 171 -1.12 11.36 19.54
N ILE A 172 -0.14 11.95 18.88
CA ILE A 172 0.26 11.48 17.57
C ILE A 172 1.69 10.94 17.61
N ILE A 173 1.86 9.73 17.11
CA ILE A 173 3.18 9.11 17.07
C ILE A 173 3.52 8.66 15.66
N GLY A 174 4.55 9.29 15.10
CA GLY A 174 4.99 8.95 13.76
C GLY A 174 6.21 8.03 13.71
N LEU A 175 6.14 7.02 12.86
CA LEU A 175 7.24 6.08 12.70
C LEU A 175 7.79 6.21 11.28
N SER A 176 9.04 6.64 11.14
CA SER A 176 9.59 6.77 9.80
C SER A 176 11.03 6.32 9.59
N ALA A 177 11.43 6.30 8.32
CA ALA A 177 12.77 5.93 7.92
C ALA A 177 13.59 7.23 7.99
N THR A 178 14.89 7.15 7.77
CA THR A 178 15.67 8.38 7.84
C THR A 178 15.26 9.31 6.70
N ILE A 179 15.12 10.59 7.02
CA ILE A 179 14.73 11.59 6.04
C ILE A 179 15.59 12.82 6.22
N GLY A 180 15.58 13.70 5.22
CA GLY A 180 16.37 14.91 5.29
C GLY A 180 15.83 16.01 6.17
N ASN A 181 14.53 15.99 6.44
CA ASN A 181 13.98 17.04 7.27
C ASN A 181 13.26 16.48 8.50
N PRO A 182 14.01 15.78 9.36
CA PRO A 182 13.43 15.20 10.58
C PRO A 182 12.84 16.28 11.48
N GLU A 183 13.63 17.31 11.79
CA GLU A 183 13.13 18.34 12.67
C GLU A 183 11.94 19.12 12.14
N GLU A 184 11.87 19.34 10.82
CA GLU A 184 10.74 20.07 10.28
C GLU A 184 9.44 19.29 10.51
N LEU A 185 9.46 17.98 10.25
CA LEU A 185 8.28 17.16 10.42
C LEU A 185 7.89 17.05 11.88
N ALA A 186 8.89 16.95 12.76
CA ALA A 186 8.64 16.83 14.19
C ALA A 186 7.99 18.09 14.71
N GLU A 187 8.48 19.24 14.24
CA GLU A 187 7.95 20.53 14.66
C GLU A 187 6.48 20.68 14.24
N TRP A 188 6.17 20.34 12.99
CA TRP A 188 4.81 20.44 12.51
C TRP A 188 3.90 19.58 13.39
N LEU A 189 4.47 18.47 13.86
CA LEU A 189 3.77 17.54 14.70
C LEU A 189 3.85 17.91 16.17
N ASN A 190 4.58 18.96 16.51
CA ASN A 190 4.73 19.35 17.91
C ASN A 190 5.18 18.09 18.68
N ALA A 191 6.10 17.36 18.07
CA ALA A 191 6.58 16.12 18.64
C ALA A 191 8.04 16.05 19.06
N GLU A 192 8.31 15.09 19.93
CA GLU A 192 9.65 14.82 20.39
C GLU A 192 10.29 14.12 19.20
N LEU A 193 11.53 14.46 18.93
CA LEU A 193 12.22 13.88 17.80
C LEU A 193 13.28 12.91 18.28
N ILE A 194 13.18 11.67 17.82
CA ILE A 194 14.15 10.68 18.21
C ILE A 194 14.80 10.15 16.92
N VAL A 195 16.03 10.61 16.68
CA VAL A 195 16.78 10.21 15.50
C VAL A 195 17.97 9.33 15.89
N SER A 196 18.05 8.15 15.27
CA SER A 196 19.11 7.23 15.59
C SER A 196 19.36 6.19 14.50
N ASP A 197 20.61 5.74 14.43
CA ASP A 197 20.96 4.72 13.47
C ASP A 197 21.52 3.48 14.20
N TRP A 198 21.35 3.45 15.52
CA TRP A 198 21.81 2.30 16.28
C TRP A 198 20.98 1.10 15.84
N ARG A 199 21.63 -0.05 15.68
CA ARG A 199 20.90 -1.24 15.31
C ARG A 199 21.54 -2.39 16.03
N PRO A 200 20.79 -3.48 16.25
CA PRO A 200 21.30 -4.66 16.95
C PRO A 200 22.49 -5.30 16.26
N VAL A 201 22.33 -5.72 15.00
CA VAL A 201 23.45 -6.32 14.27
C VAL A 201 24.11 -5.29 13.38
N LYS A 202 25.44 -5.25 13.42
CA LYS A 202 26.21 -4.32 12.59
C LYS A 202 25.82 -4.49 11.12
N LEU A 203 25.76 -3.38 10.41
CA LEU A 203 25.40 -3.39 9.01
C LEU A 203 26.56 -2.91 8.16
N ARG A 204 27.03 -3.76 7.27
CA ARG A 204 28.14 -3.39 6.40
C ARG A 204 27.57 -3.15 5.01
N ARG A 205 27.68 -1.91 4.53
CA ARG A 205 27.17 -1.57 3.20
C ARG A 205 28.33 -1.39 2.23
N GLY A 206 28.19 -1.97 1.04
CA GLY A 206 29.22 -1.86 0.02
C GLY A 206 28.66 -1.74 -1.38
N VAL A 207 29.57 -1.66 -2.36
CA VAL A 207 29.21 -1.55 -3.76
C VAL A 207 29.95 -2.61 -4.58
N PHE A 208 29.22 -3.39 -5.36
CA PHE A 208 29.84 -4.41 -6.19
C PHE A 208 30.15 -3.83 -7.57
N TYR A 209 31.41 -3.88 -7.96
CA TYR A 209 31.76 -3.35 -9.26
C TYR A 209 32.83 -4.17 -9.95
N GLN A 210 32.43 -4.84 -11.02
CA GLN A 210 33.34 -5.65 -11.80
C GLN A 210 34.27 -6.53 -10.97
N GLY A 211 33.74 -7.61 -10.40
CA GLY A 211 34.55 -8.52 -9.62
C GLY A 211 34.90 -8.17 -8.19
N PHE A 212 34.50 -7.00 -7.71
CA PHE A 212 34.81 -6.62 -6.34
C PHE A 212 33.73 -5.82 -5.61
N VAL A 213 33.71 -6.02 -4.29
CA VAL A 213 32.81 -5.32 -3.41
C VAL A 213 33.71 -4.39 -2.60
N THR A 214 33.41 -3.08 -2.64
CA THR A 214 34.18 -2.12 -1.86
C THR A 214 33.23 -1.74 -0.74
N TRP A 215 33.62 -2.02 0.51
CA TRP A 215 32.76 -1.69 1.64
C TRP A 215 33.00 -0.26 2.10
N GLU A 216 32.07 0.27 2.88
CA GLU A 216 32.20 1.63 3.38
C GLU A 216 33.45 1.83 4.23
N ASP A 217 33.91 0.78 4.90
CA ASP A 217 35.10 0.90 5.75
C ASP A 217 36.37 1.08 4.93
N GLY A 218 36.36 0.64 3.68
CA GLY A 218 37.52 0.82 2.83
C GLY A 218 38.10 -0.44 2.21
N SER A 219 37.90 -1.57 2.88
CA SER A 219 38.43 -2.85 2.42
C SER A 219 37.78 -3.36 1.16
N ILE A 220 38.47 -4.27 0.49
CA ILE A 220 38.01 -4.86 -0.77
C ILE A 220 37.88 -6.38 -0.74
N ASP A 221 36.83 -6.91 -1.36
CA ASP A 221 36.68 -8.37 -1.41
C ASP A 221 36.29 -8.77 -2.81
N ARG A 222 36.96 -9.80 -3.31
CA ARG A 222 36.73 -10.32 -4.64
C ARG A 222 35.48 -11.18 -4.70
N PHE A 223 34.74 -11.05 -5.80
CA PHE A 223 33.53 -11.84 -6.06
C PHE A 223 33.42 -11.89 -7.58
N SER A 224 33.55 -13.08 -8.15
CA SER A 224 33.51 -13.23 -9.60
C SER A 224 32.28 -12.68 -10.31
N SER A 225 31.17 -12.58 -9.58
CA SER A 225 29.94 -12.04 -10.16
C SER A 225 29.03 -11.66 -9.00
N TRP A 226 28.15 -10.69 -9.21
CA TRP A 226 27.27 -10.27 -8.11
C TRP A 226 26.45 -11.46 -7.63
N GLU A 227 26.03 -12.34 -8.54
CA GLU A 227 25.22 -13.48 -8.11
C GLU A 227 26.00 -14.36 -7.15
N GLU A 228 27.32 -14.27 -7.21
CA GLU A 228 28.18 -15.08 -6.36
C GLU A 228 27.96 -14.74 -4.88
N LEU A 229 27.49 -13.51 -4.65
CA LEU A 229 27.21 -13.06 -3.29
C LEU A 229 26.10 -13.94 -2.75
N VAL A 230 25.10 -14.19 -3.58
CA VAL A 230 23.97 -15.02 -3.19
C VAL A 230 24.50 -16.42 -2.92
N TYR A 231 25.16 -17.00 -3.91
CA TYR A 231 25.70 -18.34 -3.79
C TYR A 231 26.54 -18.44 -2.53
N ASP A 232 27.47 -17.51 -2.32
CA ASP A 232 28.29 -17.56 -1.12
C ASP A 232 27.45 -17.58 0.14
N ALA A 233 26.51 -16.66 0.21
CA ALA A 233 25.62 -16.54 1.36
C ALA A 233 24.89 -17.86 1.62
N ILE A 234 24.41 -18.50 0.56
CA ILE A 234 23.68 -19.74 0.72
C ILE A 234 24.60 -20.87 1.21
N ARG A 235 25.79 -20.96 0.63
CA ARG A 235 26.73 -22.00 1.03
C ARG A 235 27.02 -21.86 2.52
N LYS A 236 27.06 -20.62 2.98
CA LYS A 236 27.32 -20.32 4.38
C LYS A 236 26.06 -20.47 5.23
N LYS A 237 25.16 -21.35 4.82
CA LYS A 237 23.94 -21.57 5.58
C LYS A 237 22.98 -20.35 5.65
N LYS A 238 23.49 -19.15 5.36
CA LYS A 238 22.66 -17.95 5.39
C LYS A 238 21.78 -17.81 4.14
N GLY A 239 20.97 -16.75 4.11
CA GLY A 239 20.10 -16.52 2.98
C GLY A 239 20.37 -15.19 2.31
N ALA A 240 19.62 -14.87 1.26
CA ALA A 240 19.82 -13.62 0.54
C ALA A 240 18.56 -13.02 -0.05
N LEU A 241 18.48 -11.70 -0.01
CA LEU A 241 17.34 -10.97 -0.55
C LEU A 241 17.84 -10.07 -1.67
N ILE A 242 17.28 -10.23 -2.87
CA ILE A 242 17.71 -9.44 -4.01
C ILE A 242 16.62 -8.54 -4.59
N PHE A 243 16.88 -7.23 -4.61
CA PHE A 243 15.91 -6.28 -5.15
C PHE A 243 16.19 -5.92 -6.60
N VAL A 244 15.11 -5.89 -7.38
CA VAL A 244 15.14 -5.59 -8.80
C VAL A 244 14.08 -4.51 -9.09
N ASN A 245 14.02 -4.02 -10.32
CA ASN A 245 13.07 -2.95 -10.66
C ASN A 245 11.84 -3.36 -11.49
N MET A 246 11.87 -4.53 -12.11
CA MET A 246 10.78 -4.97 -12.96
C MET A 246 10.33 -6.39 -12.60
N ARG A 247 9.05 -6.69 -12.84
CA ARG A 247 8.52 -8.00 -12.54
C ARG A 247 9.23 -9.11 -13.30
N ARG A 248 9.24 -9.02 -14.63
CA ARG A 248 9.90 -10.02 -15.46
C ARG A 248 11.38 -10.16 -15.12
N LYS A 249 11.99 -9.03 -14.73
CA LYS A 249 13.39 -9.02 -14.35
C LYS A 249 13.52 -9.91 -13.10
N ALA A 250 12.64 -9.69 -12.12
CA ALA A 250 12.67 -10.48 -10.90
C ALA A 250 12.49 -11.95 -11.24
N GLU A 251 11.66 -12.20 -12.25
CA GLU A 251 11.39 -13.56 -12.70
C GLU A 251 12.57 -14.19 -13.44
N ARG A 252 13.27 -13.40 -14.26
CA ARG A 252 14.42 -13.89 -15.00
C ARG A 252 15.54 -14.20 -14.03
N VAL A 253 15.81 -13.25 -13.13
CA VAL A 253 16.87 -13.40 -12.14
C VAL A 253 16.64 -14.51 -11.12
N ALA A 254 15.39 -14.75 -10.76
CA ALA A 254 15.07 -15.78 -9.78
C ALA A 254 15.33 -17.16 -10.39
N LEU A 255 14.83 -17.35 -11.60
CA LEU A 255 15.01 -18.61 -12.32
C LEU A 255 16.51 -18.87 -12.54
N GLU A 256 17.22 -17.81 -12.91
CA GLU A 256 18.65 -17.90 -13.16
C GLU A 256 19.33 -18.39 -11.89
N LEU A 257 19.27 -17.59 -10.82
CA LEU A 257 19.88 -17.98 -9.55
C LEU A 257 19.53 -19.40 -9.13
N SER A 258 18.25 -19.76 -9.26
CA SER A 258 17.80 -21.09 -8.87
C SER A 258 18.47 -22.19 -9.66
N LYS A 259 18.87 -21.89 -10.89
CA LYS A 259 19.52 -22.91 -11.69
C LYS A 259 20.89 -23.31 -11.12
N LYS A 260 21.52 -22.43 -10.34
CA LYS A 260 22.81 -22.78 -9.75
C LYS A 260 22.70 -22.99 -8.23
N VAL A 261 21.57 -22.58 -7.65
CA VAL A 261 21.39 -22.74 -6.22
C VAL A 261 20.94 -24.16 -5.89
N LYS A 262 20.16 -24.77 -6.79
CA LYS A 262 19.70 -26.11 -6.53
C LYS A 262 20.82 -27.07 -6.12
N SER A 263 22.01 -26.90 -6.69
CA SER A 263 23.13 -27.78 -6.36
C SER A 263 23.72 -27.46 -5.00
N LEU A 264 22.91 -26.86 -4.13
CA LEU A 264 23.37 -26.52 -2.80
C LEU A 264 22.30 -26.91 -1.81
N LEU A 265 21.21 -27.46 -2.34
CA LEU A 265 20.04 -27.86 -1.55
C LEU A 265 19.95 -29.35 -1.21
N THR A 266 20.18 -29.68 0.06
CA THR A 266 20.11 -31.06 0.53
C THR A 266 18.82 -31.76 0.07
N LYS A 267 18.83 -33.09 0.09
CA LYS A 267 17.66 -33.85 -0.33
C LYS A 267 16.38 -33.36 0.36
N PRO A 268 16.43 -33.16 1.69
CA PRO A 268 15.23 -32.70 2.41
C PRO A 268 14.62 -31.44 1.79
N GLU A 269 15.42 -30.36 1.77
CA GLU A 269 14.98 -29.08 1.21
C GLU A 269 14.46 -29.14 -0.22
N ILE A 270 15.01 -30.04 -1.03
CA ILE A 270 14.55 -30.15 -2.42
C ILE A 270 13.23 -30.88 -2.40
N ARG A 271 13.14 -31.84 -1.49
CA ARG A 271 11.94 -32.65 -1.30
C ARG A 271 10.85 -31.68 -0.86
N ALA A 272 11.18 -30.84 0.12
CA ALA A 272 10.25 -29.85 0.65
C ALA A 272 9.89 -28.78 -0.37
N LEU A 273 10.90 -28.27 -1.09
CA LEU A 273 10.67 -27.26 -2.09
C LEU A 273 9.76 -27.81 -3.18
N ASN A 274 9.73 -29.13 -3.34
CA ASN A 274 8.84 -29.70 -4.34
C ASN A 274 7.41 -29.82 -3.81
N GLU A 275 7.25 -30.19 -2.53
CA GLU A 275 5.91 -30.28 -1.97
C GLU A 275 5.35 -28.84 -2.01
N LEU A 276 6.27 -27.88 -1.98
CA LEU A 276 5.93 -26.47 -1.99
C LEU A 276 5.48 -25.96 -3.38
N ALA A 277 6.25 -26.28 -4.42
CA ALA A 277 5.94 -25.85 -5.77
C ALA A 277 4.66 -26.51 -6.27
N ASP A 278 4.42 -27.73 -5.86
CA ASP A 278 3.22 -28.43 -6.29
C ASP A 278 1.93 -27.90 -5.65
N SER A 279 2.05 -27.17 -4.54
CA SER A 279 0.89 -26.62 -3.88
C SER A 279 0.37 -25.36 -4.57
N LEU A 280 1.19 -24.72 -5.39
CA LEU A 280 0.74 -23.50 -6.06
C LEU A 280 -0.42 -23.72 -7.02
N GLU A 281 -1.43 -22.86 -6.92
CA GLU A 281 -2.58 -22.95 -7.82
C GLU A 281 -1.95 -22.95 -9.20
N GLU A 282 -2.63 -23.51 -10.17
CA GLU A 282 -2.09 -23.58 -11.51
C GLU A 282 -2.49 -22.41 -12.41
N ASN A 283 -1.47 -21.74 -12.95
CA ASN A 283 -1.63 -20.61 -13.88
C ASN A 283 -0.23 -20.22 -14.35
N PRO A 284 -0.14 -19.62 -15.55
CA PRO A 284 1.16 -19.21 -16.10
C PRO A 284 2.09 -18.61 -15.06
N THR A 285 1.68 -17.48 -14.49
CA THR A 285 2.46 -16.80 -13.49
C THR A 285 3.06 -17.74 -12.42
N ASN A 286 2.31 -18.76 -12.00
CA ASN A 286 2.82 -19.68 -10.99
C ASN A 286 3.75 -20.75 -11.58
N GLU A 287 3.48 -21.16 -12.81
CA GLU A 287 4.32 -22.16 -13.45
C GLU A 287 5.78 -21.71 -13.29
N LYS A 288 6.03 -20.43 -13.55
CA LYS A 288 7.38 -19.89 -13.42
C LYS A 288 7.81 -19.96 -11.96
N LEU A 289 6.99 -19.40 -11.06
CA LEU A 289 7.29 -19.39 -9.63
C LEU A 289 7.61 -20.80 -9.19
N ALA A 290 6.98 -21.76 -9.86
CA ALA A 290 7.20 -23.16 -9.58
C ALA A 290 8.65 -23.54 -9.86
N LYS A 291 9.02 -23.57 -11.14
CA LYS A 291 10.39 -23.92 -11.53
C LYS A 291 11.46 -23.24 -10.67
N ALA A 292 11.29 -21.96 -10.40
CA ALA A 292 12.26 -21.25 -9.59
C ALA A 292 12.35 -21.80 -8.18
N ILE A 293 11.19 -22.03 -7.55
CA ILE A 293 11.15 -22.55 -6.19
C ILE A 293 11.76 -23.94 -6.05
N ARG A 294 11.49 -24.84 -6.99
CA ARG A 294 12.07 -26.17 -6.90
C ARG A 294 13.60 -26.03 -6.88
N GLY A 295 14.06 -24.86 -7.35
CA GLY A 295 15.47 -24.58 -7.41
C GLY A 295 15.99 -23.83 -6.20
N GLY A 296 15.10 -23.46 -5.29
CA GLY A 296 15.53 -22.77 -4.08
C GLY A 296 15.41 -21.26 -4.06
N VAL A 297 15.11 -20.66 -5.20
CA VAL A 297 14.98 -19.22 -5.28
C VAL A 297 13.58 -18.88 -5.72
N ALA A 298 13.09 -17.73 -5.28
CA ALA A 298 11.75 -17.33 -5.65
C ALA A 298 11.73 -15.87 -6.06
N PHE A 299 10.70 -15.47 -6.79
CA PHE A 299 10.57 -14.08 -7.15
C PHE A 299 9.32 -13.60 -6.43
N HIS A 300 9.27 -12.30 -6.14
CA HIS A 300 8.16 -11.72 -5.40
C HIS A 300 7.80 -10.35 -5.99
N HIS A 301 6.57 -10.22 -6.46
CA HIS A 301 6.11 -8.95 -7.03
C HIS A 301 4.59 -8.90 -7.19
N ALA A 302 4.05 -7.68 -7.24
CA ALA A 302 2.61 -7.42 -7.35
C ALA A 302 1.87 -8.27 -8.38
N GLY A 303 2.58 -8.80 -9.36
CA GLY A 303 1.93 -9.62 -10.37
C GLY A 303 1.51 -10.96 -9.82
N LEU A 304 1.98 -11.28 -8.62
CA LEU A 304 1.62 -12.55 -7.99
C LEU A 304 0.43 -12.32 -7.06
N GLY A 305 -0.40 -13.35 -6.92
CA GLY A 305 -1.55 -13.25 -6.04
C GLY A 305 -1.12 -13.07 -4.60
N ARG A 306 -2.05 -12.63 -3.77
CA ARG A 306 -1.79 -12.42 -2.36
C ARG A 306 -1.21 -13.68 -1.72
N ASP A 307 -1.88 -14.81 -1.90
CA ASP A 307 -1.41 -16.06 -1.30
C ASP A 307 0.02 -16.37 -1.73
N GLU A 308 0.22 -16.59 -3.02
CA GLU A 308 1.54 -16.90 -3.56
C GLU A 308 2.60 -16.07 -2.81
N ARG A 309 2.37 -14.76 -2.73
CA ARG A 309 3.28 -13.84 -2.04
C ARG A 309 3.49 -14.20 -0.57
N VAL A 310 2.41 -14.59 0.09
CA VAL A 310 2.48 -14.96 1.50
C VAL A 310 3.26 -16.26 1.66
N LEU A 311 3.04 -17.19 0.75
CA LEU A 311 3.72 -18.47 0.75
C LEU A 311 5.21 -18.25 0.59
N VAL A 312 5.57 -17.31 -0.29
CA VAL A 312 6.97 -17.02 -0.50
C VAL A 312 7.52 -16.41 0.77
N GLU A 313 6.95 -15.27 1.15
CA GLU A 313 7.38 -14.56 2.35
C GLU A 313 7.66 -15.47 3.54
N GLU A 314 6.67 -16.25 3.97
CA GLU A 314 6.88 -17.12 5.13
C GLU A 314 7.92 -18.24 4.94
N ASN A 315 7.93 -18.87 3.77
CA ASN A 315 8.90 -19.94 3.51
C ASN A 315 10.33 -19.42 3.42
N PHE A 316 10.48 -18.12 3.19
CA PHE A 316 11.82 -17.54 3.13
C PHE A 316 12.21 -17.35 4.59
N ARG A 317 11.20 -17.06 5.39
CA ARG A 317 11.40 -16.85 6.81
C ARG A 317 11.76 -18.23 7.40
N LYS A 318 10.95 -19.22 7.06
CA LYS A 318 11.14 -20.58 7.50
C LYS A 318 12.52 -21.04 7.06
N GLY A 319 13.07 -20.35 6.06
CA GLY A 319 14.38 -20.70 5.57
C GLY A 319 14.36 -21.87 4.59
N ILE A 320 13.18 -22.31 4.19
CA ILE A 320 13.06 -23.41 3.23
C ILE A 320 13.42 -22.88 1.84
N ILE A 321 13.29 -21.56 1.66
CA ILE A 321 13.62 -20.89 0.41
C ILE A 321 14.89 -20.13 0.78
N LYS A 322 15.93 -20.27 -0.02
CA LYS A 322 17.20 -19.62 0.30
C LYS A 322 17.35 -18.18 -0.18
N ALA A 323 16.59 -17.80 -1.19
CA ALA A 323 16.68 -16.45 -1.69
C ALA A 323 15.42 -16.04 -2.42
N VAL A 324 15.09 -14.75 -2.35
CA VAL A 324 13.91 -14.27 -3.03
C VAL A 324 14.29 -13.00 -3.78
N VAL A 325 13.89 -12.94 -5.05
CA VAL A 325 14.14 -11.79 -5.93
C VAL A 325 12.84 -11.00 -5.92
N ALA A 326 12.91 -9.75 -5.49
CA ALA A 326 11.71 -8.97 -5.40
C ALA A 326 11.81 -7.55 -5.92
N THR A 327 10.62 -7.01 -6.23
CA THR A 327 10.46 -5.65 -6.70
C THR A 327 10.13 -4.88 -5.44
N PRO A 328 10.12 -3.54 -5.52
CA PRO A 328 9.82 -2.68 -4.36
C PRO A 328 8.40 -2.70 -3.80
N THR A 329 7.41 -2.42 -4.63
CA THR A 329 6.02 -2.40 -4.15
C THR A 329 5.62 -3.77 -3.64
N LEU A 330 5.38 -3.85 -2.32
CA LEU A 330 4.99 -5.08 -1.64
C LEU A 330 6.19 -5.92 -1.21
N SER A 331 7.29 -5.25 -0.89
CA SER A 331 8.51 -5.94 -0.48
C SER A 331 8.44 -6.29 1.02
N THR A 336 10.86 -10.44 5.83
CA THR A 336 11.82 -10.76 6.89
C THR A 336 13.24 -10.40 6.50
N PRO A 337 14.14 -10.23 7.50
CA PRO A 337 15.52 -9.86 7.21
C PRO A 337 16.31 -11.03 6.64
N ALA A 338 17.47 -10.70 6.09
CA ALA A 338 18.35 -11.69 5.49
C ALA A 338 19.77 -11.23 5.74
N PHE A 339 20.69 -12.19 5.68
CA PHE A 339 22.10 -11.91 5.88
C PHE A 339 22.60 -10.88 4.87
N ARG A 340 22.25 -11.08 3.61
CA ARG A 340 22.66 -10.18 2.53
C ARG A 340 21.54 -9.60 1.71
N VAL A 341 21.56 -8.28 1.56
CA VAL A 341 20.57 -7.63 0.75
C VAL A 341 21.27 -7.07 -0.48
N ILE A 342 20.84 -7.52 -1.65
CA ILE A 342 21.45 -7.06 -2.87
C ILE A 342 20.49 -6.21 -3.69
N ILE A 343 20.93 -4.99 -3.98
CA ILE A 343 20.14 -4.09 -4.80
C ILE A 343 20.78 -4.19 -6.18
N ARG A 344 20.17 -5.00 -7.05
CA ARG A 344 20.67 -5.23 -8.39
C ARG A 344 20.40 -4.12 -9.40
N ASP A 345 19.46 -3.22 -9.10
CA ASP A 345 19.17 -2.13 -10.02
C ASP A 345 19.08 -0.82 -9.28
N ILE A 346 19.67 0.24 -9.84
CA ILE A 346 19.60 1.54 -9.22
C ILE A 346 18.90 2.55 -10.11
N TRP A 347 18.31 2.05 -11.19
CA TRP A 347 17.54 2.89 -12.11
C TRP A 347 16.21 2.17 -12.35
N ARG A 348 15.12 2.92 -12.24
CA ARG A 348 13.82 2.33 -12.46
C ARG A 348 13.07 3.19 -13.47
N TYR A 349 12.13 2.57 -14.18
CA TYR A 349 11.32 3.24 -15.19
C TYR A 349 10.17 4.03 -14.56
N SER A 350 10.15 5.33 -14.80
CA SER A 350 9.11 6.22 -14.31
C SER A 350 8.47 6.88 -15.54
N ASP A 351 7.34 7.56 -15.36
CA ASP A 351 6.70 8.22 -16.48
C ASP A 351 7.54 9.44 -16.84
N PHE A 352 8.52 9.72 -15.98
CA PHE A 352 9.43 10.84 -16.21
C PHE A 352 10.74 10.31 -16.82
N GLY A 353 10.73 9.03 -17.19
CA GLY A 353 11.91 8.40 -17.78
C GLY A 353 12.50 7.40 -16.79
N MET A 354 13.63 6.80 -17.14
CA MET A 354 14.28 5.86 -16.23
C MET A 354 14.99 6.80 -15.25
N GLU A 355 14.69 6.66 -13.96
CA GLU A 355 15.32 7.53 -12.95
C GLU A 355 15.98 6.69 -11.86
N ARG A 356 16.78 7.33 -11.03
CA ARG A 356 17.45 6.63 -9.96
C ARG A 356 16.53 6.42 -8.75
N ILE A 357 16.60 5.24 -8.12
CA ILE A 357 15.80 4.94 -6.94
C ILE A 357 16.19 5.95 -5.87
N PRO A 358 15.19 6.54 -5.20
CA PRO A 358 15.44 7.52 -4.15
C PRO A 358 16.40 7.00 -3.07
N ILE A 359 17.14 7.89 -2.43
CA ILE A 359 18.06 7.50 -1.38
C ILE A 359 17.33 6.89 -0.18
N ILE A 360 16.25 7.52 0.25
CA ILE A 360 15.47 7.02 1.38
C ILE A 360 15.11 5.55 1.19
N GLU A 361 14.89 5.18 -0.06
CA GLU A 361 14.49 3.82 -0.38
C GLU A 361 15.61 2.80 -0.33
N VAL A 362 16.77 3.18 -0.85
CA VAL A 362 17.93 2.30 -0.86
C VAL A 362 18.33 1.99 0.57
N HIS A 363 18.24 3.01 1.42
CA HIS A 363 18.56 2.85 2.83
C HIS A 363 17.59 1.84 3.46
N GLN A 364 16.30 2.03 3.21
CA GLN A 364 15.32 1.11 3.76
C GLN A 364 15.60 -0.30 3.27
N MET A 365 16.06 -0.42 2.02
CA MET A 365 16.34 -1.74 1.47
C MET A 365 17.57 -2.38 2.12
N LEU A 366 18.66 -1.63 2.20
CA LEU A 366 19.88 -2.14 2.81
C LEU A 366 19.66 -2.44 4.28
N GLY A 367 18.72 -1.73 4.91
CA GLY A 367 18.43 -1.90 6.31
C GLY A 367 17.81 -3.23 6.67
N ARG A 368 17.47 -4.04 5.67
CA ARG A 368 16.89 -5.35 5.93
C ARG A 368 17.98 -6.41 6.05
N ALA A 369 19.23 -5.99 6.13
CA ALA A 369 20.31 -6.96 6.23
C ALA A 369 20.79 -7.19 7.65
N GLY A 370 20.90 -8.46 8.03
CA GLY A 370 21.37 -8.82 9.35
C GLY A 370 20.28 -9.28 10.30
N ARG A 371 20.18 -10.59 10.47
CA ARG A 371 19.19 -11.24 11.36
C ARG A 371 19.74 -11.33 12.80
N PRO A 372 19.15 -10.59 13.75
CA PRO A 372 19.54 -10.56 15.17
C PRO A 372 19.99 -11.90 15.74
N LYS A 373 19.20 -12.92 15.48
CA LYS A 373 19.48 -14.26 15.97
C LYS A 373 20.77 -14.82 15.40
N TYR A 374 20.77 -15.05 14.09
CA TYR A 374 21.90 -15.65 13.39
C TYR A 374 23.08 -14.83 12.87
N ASP A 375 23.11 -13.52 13.02
CA ASP A 375 24.27 -12.82 12.45
C ASP A 375 25.07 -11.88 13.33
N GLU A 376 26.37 -11.86 13.10
CA GLU A 376 27.25 -10.97 13.84
C GLU A 376 27.46 -9.74 12.95
N VAL A 377 26.94 -9.84 11.73
CA VAL A 377 27.01 -8.76 10.73
C VAL A 377 26.00 -8.95 9.62
N GLY A 378 25.48 -7.85 9.10
CA GLY A 378 24.54 -7.91 8.00
C GLY A 378 25.19 -7.14 6.87
N GLU A 379 25.07 -7.63 5.63
CA GLU A 379 25.71 -6.95 4.50
C GLU A 379 24.75 -6.51 3.40
N GLY A 380 24.79 -5.23 3.05
CA GLY A 380 23.95 -4.70 2.00
C GLY A 380 24.80 -4.30 0.81
N ILE A 381 24.56 -4.90 -0.34
CA ILE A 381 25.36 -4.59 -1.51
C ILE A 381 24.61 -3.97 -2.70
N ILE A 382 25.09 -2.80 -3.13
CA ILE A 382 24.49 -2.13 -4.29
C ILE A 382 25.31 -2.56 -5.52
N VAL A 383 24.62 -3.00 -6.57
CA VAL A 383 25.30 -3.46 -7.77
C VAL A 383 25.43 -2.37 -8.83
N SER A 384 26.66 -1.97 -9.11
CA SER A 384 26.92 -0.93 -10.11
C SER A 384 27.25 -1.60 -11.44
N THR A 385 26.26 -1.75 -12.30
CA THR A 385 26.47 -2.39 -13.61
C THR A 385 27.17 -1.45 -14.63
N SER A 386 26.79 -0.18 -14.61
CA SER A 386 27.32 0.80 -15.54
C SER A 386 27.16 2.18 -14.93
N ASP A 387 27.81 2.38 -13.78
CA ASP A 387 27.74 3.64 -13.06
C ASP A 387 29.10 3.80 -12.38
N ASP A 388 29.52 5.02 -12.12
CA ASP A 388 30.79 5.19 -11.47
C ASP A 388 30.67 4.75 -10.02
N PRO A 389 31.32 3.63 -9.67
CA PRO A 389 31.36 2.97 -8.34
C PRO A 389 31.47 3.96 -7.18
N ARG A 390 32.39 4.92 -7.30
CA ARG A 390 32.59 5.92 -6.26
C ARG A 390 31.35 6.80 -6.17
N GLU A 391 30.81 7.21 -7.31
CA GLU A 391 29.62 8.05 -7.34
C GLU A 391 28.45 7.32 -6.66
N VAL A 392 28.29 6.04 -6.93
CA VAL A 392 27.21 5.27 -6.33
C VAL A 392 27.38 5.25 -4.80
N MET A 393 28.60 4.99 -4.35
CA MET A 393 28.93 4.94 -2.94
C MET A 393 28.59 6.25 -2.23
N ASN A 394 29.05 7.37 -2.81
CA ASN A 394 28.86 8.72 -2.28
C ASN A 394 27.42 9.19 -2.23
N HIS A 395 26.63 8.73 -3.18
CA HIS A 395 25.24 9.14 -3.29
C HIS A 395 24.29 8.30 -2.43
N TYR A 396 24.58 7.01 -2.34
CA TYR A 396 23.71 6.11 -1.60
C TYR A 396 24.19 5.64 -0.24
N ILE A 397 25.46 5.82 0.06
CA ILE A 397 25.95 5.39 1.36
C ILE A 397 26.32 6.61 2.18
N PHE A 398 26.66 7.71 1.50
CA PHE A 398 27.04 8.92 2.21
C PHE A 398 26.26 10.16 1.84
N GLY A 399 25.09 9.96 1.25
CA GLY A 399 24.24 11.06 0.87
C GLY A 399 23.01 11.22 1.76
N LYS A 400 22.74 12.45 2.15
CA LYS A 400 21.58 12.75 2.98
C LYS A 400 20.33 12.23 2.29
N PRO A 401 19.38 11.68 3.04
CA PRO A 401 18.18 11.19 2.35
C PRO A 401 17.37 12.38 1.86
N GLU A 402 16.45 12.13 0.97
CA GLU A 402 15.63 13.21 0.44
C GLU A 402 14.85 13.87 1.56
N LYS A 403 14.48 15.11 1.31
CA LYS A 403 13.67 15.86 2.26
C LYS A 403 12.23 15.56 1.84
N LEU A 404 11.34 15.43 2.82
CA LEU A 404 9.96 15.15 2.49
C LEU A 404 9.21 16.42 2.10
N PHE A 405 8.49 16.37 0.99
CA PHE A 405 7.70 17.51 0.54
C PHE A 405 6.23 17.14 0.59
N SER A 406 5.42 18.02 1.14
CA SER A 406 3.99 17.78 1.20
C SER A 406 3.46 17.53 -0.21
N GLN A 407 2.66 16.48 -0.36
CA GLN A 407 2.07 16.10 -1.63
C GLN A 407 0.61 16.51 -1.68
N LEU A 408 0.29 17.55 -0.92
CA LEU A 408 -1.07 18.06 -0.83
C LEU A 408 -1.61 18.65 -2.15
N SER A 409 -0.74 19.14 -3.03
CA SER A 409 -1.15 19.70 -4.32
C SER A 409 -1.65 18.66 -5.32
N ASN A 410 -1.42 17.39 -5.03
CA ASN A 410 -1.87 16.32 -5.90
C ASN A 410 -3.33 16.64 -6.18
N GLU A 411 -3.58 17.14 -7.39
CA GLU A 411 -4.92 17.55 -7.81
C GLU A 411 -6.04 16.56 -7.54
N SER A 412 -5.76 15.26 -7.64
CA SER A 412 -6.80 14.27 -7.42
C SER A 412 -7.19 14.15 -5.95
N ASN A 413 -6.19 14.27 -5.08
CA ASN A 413 -6.43 14.18 -3.65
C ASN A 413 -7.06 15.47 -3.18
N LEU A 414 -6.50 16.58 -3.63
CA LEU A 414 -6.98 17.91 -3.23
C LEU A 414 -8.45 18.16 -3.62
N ARG A 415 -8.83 17.72 -4.81
CA ARG A 415 -10.18 17.91 -5.30
C ARG A 415 -11.18 17.09 -4.46
N SER A 416 -10.75 15.89 -4.10
CA SER A 416 -11.56 14.98 -3.29
C SER A 416 -11.56 15.45 -1.85
N GLN A 417 -10.47 16.11 -1.46
CA GLN A 417 -10.33 16.60 -0.10
C GLN A 417 -11.04 17.92 0.15
N VAL A 418 -11.08 18.80 -0.86
CA VAL A 418 -11.76 20.07 -0.71
C VAL A 418 -13.25 19.78 -0.58
N LEU A 419 -13.75 18.80 -1.32
CA LEU A 419 -15.15 18.47 -1.24
C LEU A 419 -15.49 17.80 0.09
N ALA A 420 -14.58 16.94 0.56
CA ALA A 420 -14.81 16.24 1.82
C ALA A 420 -14.99 17.24 2.96
N LEU A 421 -14.20 18.30 2.96
CA LEU A 421 -14.29 19.31 4.00
C LEU A 421 -15.66 19.99 3.97
N ILE A 422 -16.11 20.36 2.78
CA ILE A 422 -17.42 21.02 2.62
C ILE A 422 -18.59 20.09 2.89
N ALA A 423 -18.50 18.89 2.33
CA ALA A 423 -19.56 17.91 2.41
C ALA A 423 -19.66 17.03 3.64
N THR A 424 -18.56 16.83 4.37
CA THR A 424 -18.63 15.98 5.55
C THR A 424 -18.05 16.60 6.80
N PHE A 425 -17.42 17.76 6.68
CA PHE A 425 -16.86 18.42 7.87
C PHE A 425 -17.43 19.80 8.09
N GLY A 426 -18.44 20.16 7.30
CA GLY A 426 -19.08 21.45 7.46
C GLY A 426 -18.33 22.73 7.14
N TYR A 427 -17.25 22.67 6.35
CA TYR A 427 -16.56 23.91 6.01
C TYR A 427 -17.50 24.56 5.01
N SER A 428 -17.66 25.88 5.10
CA SER A 428 -18.60 26.58 4.22
C SER A 428 -18.06 27.86 3.59
N THR A 429 -16.79 28.13 3.82
CA THR A 429 -16.17 29.32 3.28
C THR A 429 -14.76 28.98 2.81
N VAL A 430 -14.31 29.65 1.76
CA VAL A 430 -12.98 29.42 1.25
C VAL A 430 -11.99 29.67 2.38
N GLU A 431 -12.19 30.79 3.07
CA GLU A 431 -11.36 31.20 4.18
C GLU A 431 -11.31 30.15 5.31
N GLU A 432 -12.36 29.36 5.45
CA GLU A 432 -12.40 28.34 6.49
C GLU A 432 -11.62 27.12 5.99
N ILE A 433 -11.74 26.85 4.71
CA ILE A 433 -11.02 25.75 4.08
C ILE A 433 -9.54 26.09 4.15
N LEU A 434 -9.22 27.37 4.03
CA LEU A 434 -7.84 27.81 4.09
C LEU A 434 -7.33 27.64 5.51
N LYS A 435 -8.21 27.75 6.50
CA LYS A 435 -7.80 27.55 7.89
C LYS A 435 -7.32 26.10 8.02
N PHE A 436 -8.04 25.18 7.41
CA PHE A 436 -7.62 23.79 7.46
C PHE A 436 -6.23 23.67 6.83
N ILE A 437 -6.05 24.21 5.64
CA ILE A 437 -4.74 24.14 4.98
C ILE A 437 -3.61 24.58 5.91
N SER A 438 -3.84 25.65 6.66
CA SER A 438 -2.85 26.21 7.57
C SER A 438 -2.34 25.24 8.63
N ASN A 439 -3.08 24.17 8.90
CA ASN A 439 -2.63 23.20 9.89
C ASN A 439 -1.95 22.00 9.21
N THR A 440 -1.84 22.05 7.89
CA THR A 440 -1.20 20.94 7.17
C THR A 440 0.30 21.13 7.10
N PHE A 441 1.00 20.07 6.73
CA PHE A 441 2.44 20.13 6.62
C PHE A 441 2.82 21.01 5.42
N TYR A 442 1.92 21.11 4.45
CA TYR A 442 2.14 21.97 3.28
C TYR A 442 2.32 23.40 3.79
N ALA A 443 1.37 23.87 4.58
CA ALA A 443 1.41 25.21 5.12
C ALA A 443 2.61 25.44 6.02
N TYR A 444 3.01 24.40 6.74
CA TYR A 444 4.15 24.50 7.64
C TYR A 444 5.49 24.59 6.89
N GLN A 445 5.58 23.96 5.72
CA GLN A 445 6.81 24.04 4.93
C GLN A 445 6.83 25.37 4.20
N ARG A 446 5.79 26.15 4.44
CA ARG A 446 5.68 27.46 3.81
C ARG A 446 5.75 27.34 2.30
N LYS A 447 5.45 26.15 1.79
CA LYS A 447 5.44 25.91 0.35
C LYS A 447 4.52 26.94 -0.30
N ASP A 448 4.73 27.15 -1.59
CA ASP A 448 3.98 28.09 -2.42
C ASP A 448 2.48 28.17 -2.02
N THR A 449 2.12 29.17 -1.22
CA THR A 449 0.74 29.27 -0.78
C THR A 449 -0.27 29.73 -1.83
N TYR A 450 0.16 30.66 -2.70
CA TYR A 450 -0.69 31.20 -3.78
C TYR A 450 -1.17 30.12 -4.74
N SER A 451 -0.25 29.33 -5.28
CA SER A 451 -0.62 28.29 -6.24
C SER A 451 -1.65 27.31 -5.67
N LEU A 452 -1.54 26.99 -4.37
CA LEU A 452 -2.49 26.07 -3.75
C LEU A 452 -3.85 26.73 -3.65
N GLU A 453 -3.87 27.98 -3.22
CA GLU A 453 -5.09 28.75 -3.08
C GLU A 453 -5.82 28.83 -4.43
N GLU A 454 -5.08 29.06 -5.52
CA GLU A 454 -5.73 29.13 -6.82
C GLU A 454 -6.27 27.78 -7.28
N LYS A 455 -5.53 26.70 -6.99
CA LYS A 455 -6.00 25.37 -7.38
C LYS A 455 -7.30 25.04 -6.67
N ILE A 456 -7.45 25.55 -5.45
CA ILE A 456 -8.64 25.33 -4.64
C ILE A 456 -9.83 26.17 -5.13
N ARG A 457 -9.58 27.42 -5.48
CA ARG A 457 -10.65 28.27 -6.01
C ARG A 457 -11.16 27.63 -7.31
N ASN A 458 -10.24 27.14 -8.13
CA ASN A 458 -10.62 26.48 -9.37
C ASN A 458 -11.40 25.21 -9.06
N ILE A 459 -10.95 24.47 -8.06
CA ILE A 459 -11.66 23.24 -7.68
C ILE A 459 -13.09 23.53 -7.21
N LEU A 460 -13.30 24.62 -6.46
CA LEU A 460 -14.62 24.99 -5.98
C LEU A 460 -15.54 25.28 -7.16
N TYR A 461 -14.96 25.91 -8.18
CA TYR A 461 -15.66 26.28 -9.41
C TYR A 461 -16.10 25.00 -10.11
N PHE A 462 -15.18 24.05 -10.19
CA PHE A 462 -15.47 22.78 -10.82
C PHE A 462 -16.63 22.10 -10.10
N LEU A 463 -16.56 22.04 -8.77
CA LEU A 463 -17.59 21.43 -7.94
C LEU A 463 -18.91 22.20 -8.05
N LEU A 464 -18.83 23.51 -8.12
CA LEU A 464 -20.03 24.32 -8.23
C LEU A 464 -20.71 24.11 -9.58
N GLU A 465 -19.92 23.92 -10.63
CA GLU A 465 -20.46 23.70 -11.98
C GLU A 465 -21.13 22.35 -12.15
N ASN A 466 -20.53 21.31 -11.60
CA ASN A 466 -21.08 19.97 -11.72
C ASN A 466 -22.15 19.62 -10.69
N GLU A 467 -22.58 20.64 -9.94
CA GLU A 467 -23.65 20.49 -8.95
C GLU A 467 -23.37 19.61 -7.74
N PHE A 468 -22.14 19.63 -7.22
CA PHE A 468 -21.78 18.85 -6.04
C PHE A 468 -22.03 19.76 -4.85
N ILE A 469 -21.85 21.07 -5.08
CA ILE A 469 -22.03 22.09 -4.05
C ILE A 469 -22.77 23.30 -4.63
N GLU A 470 -23.13 24.24 -3.75
CA GLU A 470 -23.81 25.44 -4.19
C GLU A 470 -23.22 26.61 -3.45
N ILE A 471 -23.29 27.79 -4.05
CA ILE A 471 -22.75 28.99 -3.43
C ILE A 471 -23.79 30.09 -3.44
N SER A 472 -23.62 31.10 -2.59
CA SER A 472 -24.55 32.21 -2.48
C SER A 472 -23.82 33.51 -2.80
N LEU A 473 -24.55 34.59 -3.05
CA LEU A 473 -23.91 35.88 -3.35
C LEU A 473 -23.20 36.36 -2.10
N GLU A 474 -23.49 35.71 -0.98
CA GLU A 474 -22.80 36.07 0.26
C GLU A 474 -21.55 35.17 0.27
N ASP A 475 -21.55 34.22 -0.67
CA ASP A 475 -20.48 33.27 -0.88
C ASP A 475 -20.41 32.15 0.14
N LYS A 476 -21.58 31.74 0.63
CA LYS A 476 -21.67 30.65 1.61
C LYS A 476 -21.77 29.35 0.82
N ILE A 477 -20.78 28.48 1.00
CA ILE A 477 -20.75 27.21 0.31
C ILE A 477 -21.46 26.17 1.17
N ARG A 478 -22.39 25.44 0.57
CA ARG A 478 -23.14 24.39 1.26
C ARG A 478 -23.19 23.23 0.27
N PRO A 479 -23.13 21.99 0.76
CA PRO A 479 -23.17 20.84 -0.14
C PRO A 479 -24.58 20.39 -0.55
N LEU A 480 -24.64 19.67 -1.66
CA LEU A 480 -25.89 19.12 -2.16
C LEU A 480 -25.76 17.62 -2.06
N SER A 481 -26.85 16.90 -2.29
CA SER A 481 -26.84 15.45 -2.19
C SER A 481 -25.65 14.78 -2.87
N LEU A 482 -25.44 15.10 -4.15
CA LEU A 482 -24.35 14.53 -4.91
C LEU A 482 -23.01 14.82 -4.24
N GLY A 483 -22.89 16.00 -3.64
CA GLY A 483 -21.65 16.33 -2.96
C GLY A 483 -21.41 15.38 -1.79
N ILE A 484 -22.31 15.43 -0.81
CA ILE A 484 -22.24 14.58 0.37
C ILE A 484 -22.06 13.11 0.02
N ARG A 485 -22.86 12.62 -0.91
CA ARG A 485 -22.77 11.23 -1.31
C ARG A 485 -21.41 10.87 -1.88
N THR A 486 -20.87 11.74 -2.74
CA THR A 486 -19.57 11.49 -3.34
C THR A 486 -18.51 11.39 -2.26
N ALA A 487 -18.48 12.37 -1.37
CA ALA A 487 -17.53 12.44 -0.27
C ALA A 487 -17.56 11.18 0.61
N LYS A 488 -18.76 10.66 0.84
CA LYS A 488 -18.91 9.47 1.66
C LYS A 488 -18.60 8.18 0.90
N LEU A 489 -18.59 8.25 -0.43
CA LEU A 489 -18.25 7.09 -1.23
C LEU A 489 -16.73 7.01 -1.39
N TYR A 490 -16.05 8.11 -1.04
CA TYR A 490 -14.60 8.22 -1.13
C TYR A 490 -14.04 8.25 -2.55
N ILE A 491 -14.91 8.18 -3.55
CA ILE A 491 -14.42 8.22 -4.92
C ILE A 491 -14.04 9.65 -5.28
N ASP A 492 -13.20 9.79 -6.31
CA ASP A 492 -12.76 11.09 -6.79
C ASP A 492 -13.97 11.85 -7.33
N PRO A 493 -14.09 13.13 -6.99
CA PRO A 493 -15.22 13.90 -7.49
C PRO A 493 -15.32 13.79 -9.02
N TYR A 494 -14.20 13.61 -9.68
CA TYR A 494 -14.22 13.49 -11.12
C TYR A 494 -14.84 12.18 -11.62
N THR A 495 -14.65 11.08 -10.90
CA THR A 495 -15.26 9.85 -11.37
C THR A 495 -16.76 9.99 -11.16
N ALA A 496 -17.16 10.70 -10.12
CA ALA A 496 -18.58 10.91 -9.85
C ALA A 496 -19.12 11.74 -11.01
N LYS A 497 -18.37 12.76 -11.39
CA LYS A 497 -18.74 13.64 -12.49
C LYS A 497 -18.88 12.80 -13.75
N MET A 498 -17.96 11.87 -13.97
CA MET A 498 -18.01 11.01 -15.14
C MET A 498 -19.22 10.07 -15.09
N PHE A 499 -19.65 9.70 -13.89
CA PHE A 499 -20.82 8.82 -13.73
C PHE A 499 -22.10 9.62 -14.00
N LYS A 500 -22.15 10.81 -13.43
CA LYS A 500 -23.28 11.73 -13.59
C LYS A 500 -23.47 12.08 -15.06
N ASP A 501 -22.39 12.45 -15.74
CA ASP A 501 -22.51 12.82 -17.15
C ASP A 501 -22.97 11.69 -18.06
N LYS A 502 -22.64 10.46 -17.70
CA LYS A 502 -23.03 9.35 -18.54
C LYS A 502 -24.22 8.54 -18.03
N MET A 503 -24.82 8.95 -16.91
CA MET A 503 -25.93 8.19 -16.36
C MET A 503 -27.08 7.96 -17.35
N GLU A 504 -27.30 8.92 -18.26
CA GLU A 504 -28.37 8.79 -19.25
C GLU A 504 -28.02 7.67 -20.23
N GLU A 505 -26.74 7.55 -20.57
CA GLU A 505 -26.31 6.51 -21.50
C GLU A 505 -26.42 5.13 -20.86
N VAL A 506 -26.03 5.04 -19.59
CA VAL A 506 -26.09 3.77 -18.87
C VAL A 506 -27.52 3.24 -18.73
N VAL A 507 -28.47 4.13 -18.45
CA VAL A 507 -29.85 3.70 -18.30
C VAL A 507 -30.45 3.36 -19.65
N LYS A 508 -29.90 3.97 -20.70
CA LYS A 508 -30.39 3.69 -22.03
C LYS A 508 -29.92 2.32 -22.48
N ASP A 509 -28.74 1.92 -22.03
CA ASP A 509 -28.16 0.63 -22.41
C ASP A 509 -27.25 0.02 -21.31
N PRO A 510 -27.85 -0.47 -20.21
CA PRO A 510 -27.06 -1.07 -19.13
C PRO A 510 -26.39 -2.37 -19.55
N ASN A 511 -25.07 -2.37 -19.68
CA ASN A 511 -24.36 -3.60 -20.07
C ASN A 511 -22.95 -3.67 -19.49
N PRO A 512 -22.44 -4.90 -19.30
CA PRO A 512 -21.09 -5.10 -18.73
C PRO A 512 -19.99 -4.27 -19.40
N ILE A 513 -19.73 -4.53 -20.68
CA ILE A 513 -18.69 -3.81 -21.42
C ILE A 513 -18.77 -2.29 -21.22
N GLY A 514 -19.95 -1.69 -21.42
CA GLY A 514 -20.09 -0.26 -21.26
C GLY A 514 -19.67 0.24 -19.89
N ILE A 515 -20.21 -0.42 -18.86
CA ILE A 515 -19.91 -0.05 -17.48
C ILE A 515 -18.45 -0.27 -17.10
N PHE A 516 -17.94 -1.46 -17.35
CA PHE A 516 -16.54 -1.76 -17.02
C PHE A 516 -15.62 -0.74 -17.68
N HIS A 517 -15.89 -0.44 -18.94
CA HIS A 517 -15.10 0.53 -19.67
C HIS A 517 -15.24 1.89 -18.99
N LEU A 518 -16.47 2.31 -18.74
CA LEU A 518 -16.69 3.59 -18.07
C LEU A 518 -15.93 3.72 -16.74
N ILE A 519 -16.08 2.75 -15.82
CA ILE A 519 -15.38 2.84 -14.54
C ILE A 519 -13.87 2.75 -14.72
N SER A 520 -13.44 1.93 -15.67
CA SER A 520 -12.01 1.78 -15.91
C SER A 520 -11.38 3.02 -16.55
N LEU A 521 -12.17 4.05 -16.75
CA LEU A 521 -11.68 5.27 -17.37
C LEU A 521 -11.56 6.40 -16.37
N THR A 522 -12.01 6.16 -15.15
CA THR A 522 -11.95 7.18 -14.11
C THR A 522 -10.61 7.18 -13.39
N PRO A 523 -10.32 8.24 -12.63
CA PRO A 523 -9.08 8.38 -11.86
C PRO A 523 -8.92 7.36 -10.73
N ASP A 524 -10.01 6.73 -10.30
CA ASP A 524 -9.94 5.79 -9.20
C ASP A 524 -9.62 4.37 -9.55
N ILE A 525 -8.92 4.18 -10.66
CA ILE A 525 -8.58 2.84 -11.05
C ILE A 525 -7.39 2.92 -11.99
N THR A 526 -6.52 1.92 -11.96
CA THR A 526 -5.37 1.89 -12.84
C THR A 526 -5.62 0.76 -13.82
N PRO A 527 -6.02 1.12 -15.04
CA PRO A 527 -6.32 0.21 -16.13
C PRO A 527 -5.13 -0.64 -16.51
N PHE A 528 -5.39 -1.82 -17.05
CA PHE A 528 -4.33 -2.71 -17.50
C PHE A 528 -3.64 -2.03 -18.67
N ASN A 529 -2.34 -2.27 -18.82
CA ASN A 529 -1.61 -1.71 -19.94
C ASN A 529 -1.75 -2.73 -21.05
N TYR A 530 -1.38 -2.33 -22.27
CA TYR A 530 -1.42 -3.21 -23.42
C TYR A 530 -0.14 -2.94 -24.22
N SER A 531 0.32 -3.93 -24.97
CA SER A 531 1.54 -3.80 -25.76
C SER A 531 1.24 -3.42 -27.22
N LYS A 532 2.28 -3.07 -27.96
CA LYS A 532 2.14 -2.70 -29.37
C LYS A 532 1.49 -3.84 -30.14
N ARG A 533 1.83 -5.06 -29.76
CA ARG A 533 1.32 -6.28 -30.41
C ARG A 533 -0.19 -6.47 -30.34
N GLU A 534 -0.72 -6.51 -29.12
CA GLU A 534 -2.15 -6.72 -28.97
C GLU A 534 -3.00 -5.52 -29.36
N PHE A 535 -2.43 -4.32 -29.31
CA PHE A 535 -3.21 -3.14 -29.66
C PHE A 535 -4.01 -3.29 -30.95
N GLU A 536 -3.49 -4.08 -31.87
CA GLU A 536 -4.16 -4.32 -33.13
C GLU A 536 -5.50 -4.92 -32.85
N ARG A 537 -5.48 -6.01 -32.09
CA ARG A 537 -6.69 -6.73 -31.74
C ARG A 537 -7.66 -5.87 -30.95
N LEU A 538 -7.14 -5.04 -30.04
CA LEU A 538 -8.00 -4.17 -29.25
C LEU A 538 -8.83 -3.24 -30.14
N GLU A 539 -8.19 -2.66 -31.16
CA GLU A 539 -8.88 -1.75 -32.08
C GLU A 539 -10.06 -2.38 -32.82
N GLU A 540 -9.87 -3.60 -33.30
CA GLU A 540 -10.93 -4.30 -34.01
C GLU A 540 -12.11 -4.57 -33.10
N GLU A 541 -11.80 -5.15 -31.93
CA GLU A 541 -12.83 -5.47 -30.97
C GLU A 541 -13.53 -4.17 -30.59
N TYR A 542 -12.77 -3.08 -30.43
CA TYR A 542 -13.41 -1.82 -30.09
C TYR A 542 -14.49 -1.50 -31.12
N TYR A 543 -14.06 -1.18 -32.34
CA TYR A 543 -14.97 -0.83 -33.45
C TYR A 543 -16.07 -1.87 -33.66
N GLU A 544 -15.85 -3.06 -33.14
CA GLU A 544 -16.80 -4.17 -33.23
C GLU A 544 -17.85 -4.02 -32.13
N PHE A 545 -17.46 -3.38 -31.02
CA PHE A 545 -18.35 -3.20 -29.87
C PHE A 545 -18.57 -1.74 -29.48
N LYS A 546 -18.26 -0.80 -30.37
CA LYS A 546 -18.43 0.60 -30.02
C LYS A 546 -19.85 0.94 -29.62
N ASP A 547 -20.81 0.12 -30.04
CA ASP A 547 -22.21 0.40 -29.73
C ASP A 547 -22.55 0.26 -28.26
N ARG A 548 -21.86 -0.64 -27.56
CA ARG A 548 -22.14 -0.86 -26.14
C ARG A 548 -21.44 0.13 -25.19
N LEU A 549 -20.46 0.86 -25.70
CA LEU A 549 -19.77 1.81 -24.84
C LEU A 549 -20.58 3.09 -24.72
N TYR A 550 -20.17 3.96 -23.83
CA TYR A 550 -20.89 5.20 -23.63
C TYR A 550 -20.14 6.39 -24.17
N PHE A 551 -19.08 6.13 -24.92
CA PHE A 551 -18.29 7.21 -25.50
C PHE A 551 -18.28 7.19 -27.02
N ASP A 552 -18.46 8.37 -27.60
CA ASP A 552 -18.50 8.53 -29.03
C ASP A 552 -17.30 7.92 -29.76
N ASP A 553 -16.22 8.68 -29.84
CA ASP A 553 -15.01 8.24 -30.56
C ASP A 553 -13.78 8.60 -29.71
N PRO A 554 -12.88 7.63 -29.47
CA PRO A 554 -11.70 7.91 -28.66
C PRO A 554 -11.03 9.23 -29.08
N TYR A 555 -10.75 9.34 -30.37
CA TYR A 555 -10.11 10.50 -30.95
C TYR A 555 -11.03 11.72 -30.91
N ILE A 556 -11.51 12.15 -32.08
CA ILE A 556 -12.41 13.32 -32.19
C ILE A 556 -12.37 14.22 -30.96
N GLU A 564 -6.28 9.00 -25.56
CA GLU A 564 -6.73 7.80 -26.26
C GLU A 564 -5.99 6.55 -25.79
N ARG A 565 -4.91 6.74 -25.05
CA ARG A 565 -4.14 5.61 -24.54
C ARG A 565 -4.94 5.03 -23.37
N LYS A 566 -5.46 5.90 -22.52
CA LYS A 566 -6.24 5.41 -21.39
C LYS A 566 -7.52 4.80 -21.92
N PHE A 567 -8.09 5.40 -22.96
CA PHE A 567 -9.32 4.88 -23.51
C PHE A 567 -9.20 3.40 -23.79
N PHE A 568 -8.12 2.99 -24.46
CA PHE A 568 -7.97 1.59 -24.79
C PHE A 568 -7.45 0.74 -23.64
N ARG A 569 -6.82 1.37 -22.67
CA ARG A 569 -6.37 0.61 -21.52
C ARG A 569 -7.68 0.24 -20.82
N ALA A 570 -8.53 1.24 -20.61
CA ALA A 570 -9.82 1.01 -19.99
C ALA A 570 -10.61 -0.04 -20.78
N PHE A 571 -10.53 0.03 -22.10
CA PHE A 571 -11.28 -0.93 -22.92
C PHE A 571 -10.75 -2.34 -22.78
N LYS A 572 -9.45 -2.48 -22.60
CA LYS A 572 -8.89 -3.81 -22.42
C LYS A 572 -9.41 -4.30 -21.08
N THR A 573 -9.37 -3.41 -20.09
CA THR A 573 -9.84 -3.75 -18.76
C THR A 573 -11.31 -4.17 -18.81
N ALA A 574 -12.11 -3.47 -19.61
CA ALA A 574 -13.52 -3.81 -19.72
C ALA A 574 -13.68 -5.24 -20.23
N LEU A 575 -12.77 -5.68 -21.11
CA LEU A 575 -12.87 -7.04 -21.64
C LEU A 575 -12.47 -8.08 -20.61
N VAL A 576 -11.42 -7.78 -19.85
CA VAL A 576 -10.96 -8.70 -18.83
C VAL A 576 -12.08 -8.93 -17.84
N LEU A 577 -12.53 -7.85 -17.19
CA LEU A 577 -13.61 -7.97 -16.21
C LEU A 577 -14.77 -8.76 -16.79
N LEU A 578 -15.13 -8.49 -18.04
CA LEU A 578 -16.23 -9.19 -18.69
C LEU A 578 -16.02 -10.70 -18.72
N ALA A 579 -14.79 -11.14 -18.95
CA ALA A 579 -14.51 -12.57 -18.98
C ALA A 579 -14.57 -13.10 -17.54
N TRP A 580 -14.24 -12.23 -16.59
CA TRP A 580 -14.25 -12.58 -15.18
C TRP A 580 -15.68 -12.94 -14.78
N ILE A 581 -16.62 -12.04 -15.08
CA ILE A 581 -18.00 -12.32 -14.71
C ILE A 581 -18.56 -13.48 -15.50
N ASN A 582 -17.98 -13.77 -16.67
CA ASN A 582 -18.47 -14.89 -17.46
C ASN A 582 -17.69 -16.15 -17.16
N GLU A 583 -17.14 -16.20 -15.96
CA GLU A 583 -16.43 -17.37 -15.45
C GLU A 583 -15.34 -17.99 -16.30
N VAL A 584 -14.52 -17.18 -16.96
CA VAL A 584 -13.44 -17.73 -17.74
C VAL A 584 -12.37 -18.11 -16.72
N PRO A 585 -11.79 -19.30 -16.86
CA PRO A 585 -10.75 -19.75 -15.91
C PRO A 585 -9.60 -18.76 -15.78
N GLU A 586 -9.19 -18.49 -14.55
CA GLU A 586 -8.10 -17.58 -14.28
C GLU A 586 -6.99 -17.72 -15.31
N GLY A 587 -6.38 -18.91 -15.32
CA GLY A 587 -5.29 -19.19 -16.23
C GLY A 587 -5.53 -18.76 -17.68
N GLU A 588 -6.75 -18.94 -18.14
CA GLU A 588 -7.07 -18.57 -19.52
C GLU A 588 -7.09 -17.06 -19.69
N ILE A 589 -7.58 -16.35 -18.67
CA ILE A 589 -7.63 -14.90 -18.73
C ILE A 589 -6.20 -14.38 -18.74
N VAL A 590 -5.37 -14.93 -17.85
CA VAL A 590 -3.97 -14.54 -17.77
C VAL A 590 -3.36 -14.64 -19.16
N GLU A 591 -3.64 -15.74 -19.85
CA GLU A 591 -3.10 -15.96 -21.19
C GLU A 591 -3.74 -15.08 -22.26
N LYS A 592 -5.05 -15.21 -22.45
CA LYS A 592 -5.77 -14.43 -23.46
C LYS A 592 -5.54 -12.91 -23.46
N TYR A 593 -5.35 -12.31 -22.28
CA TYR A 593 -5.15 -10.85 -22.20
C TYR A 593 -3.80 -10.41 -21.67
N SER A 594 -2.88 -11.36 -21.52
CA SER A 594 -1.55 -11.04 -21.01
C SER A 594 -1.68 -10.23 -19.74
N VAL A 595 -2.23 -10.83 -18.70
CA VAL A 595 -2.37 -10.16 -17.41
C VAL A 595 -2.10 -11.16 -16.28
N GLU A 596 -1.51 -10.71 -15.19
CA GLU A 596 -1.21 -11.61 -14.09
C GLU A 596 -2.23 -11.56 -12.95
N PRO A 597 -2.40 -12.67 -12.21
CA PRO A 597 -3.34 -12.75 -11.08
C PRO A 597 -2.72 -12.03 -9.92
N GLY A 598 -2.98 -10.74 -9.84
CA GLY A 598 -2.43 -9.92 -8.78
C GLY A 598 -3.07 -8.63 -9.21
N ASP A 599 -3.02 -8.42 -10.52
CA ASP A 599 -3.62 -7.28 -11.16
C ASP A 599 -5.10 -7.63 -11.34
N ILE A 600 -5.36 -8.91 -11.61
CA ILE A 600 -6.73 -9.38 -11.81
C ILE A 600 -7.51 -9.21 -10.53
N TYR A 601 -6.91 -9.60 -9.41
CA TYR A 601 -7.56 -9.48 -8.11
C TYR A 601 -7.66 -8.04 -7.69
N ARG A 602 -6.62 -7.26 -8.03
CA ARG A 602 -6.60 -5.85 -7.70
C ARG A 602 -7.70 -5.12 -8.44
N ILE A 603 -7.76 -5.34 -9.75
CA ILE A 603 -8.75 -4.69 -10.60
C ILE A 603 -10.16 -5.10 -10.23
N VAL A 604 -10.36 -6.40 -10.02
CA VAL A 604 -11.65 -6.94 -9.65
C VAL A 604 -12.11 -6.23 -8.38
N GLU A 605 -11.31 -6.35 -7.32
CA GLU A 605 -11.61 -5.71 -6.05
C GLU A 605 -11.97 -4.21 -6.23
N THR A 606 -11.27 -3.52 -7.12
CA THR A 606 -11.55 -2.09 -7.32
C THR A 606 -12.83 -1.90 -8.12
N ALA A 607 -13.09 -2.80 -9.07
CA ALA A 607 -14.28 -2.70 -9.89
C ALA A 607 -15.54 -2.86 -9.04
N GLU A 608 -15.46 -3.73 -8.02
CA GLU A 608 -16.58 -3.98 -7.12
C GLU A 608 -16.91 -2.66 -6.44
N TRP A 609 -15.88 -2.02 -5.90
CA TRP A 609 -16.04 -0.76 -5.23
C TRP A 609 -16.67 0.27 -6.19
N LEU A 610 -16.13 0.34 -7.41
CA LEU A 610 -16.59 1.30 -8.41
C LEU A 610 -17.97 1.05 -9.01
N VAL A 611 -18.34 -0.21 -9.17
CA VAL A 611 -19.67 -0.52 -9.68
C VAL A 611 -20.66 -0.21 -8.55
N TYR A 612 -20.19 -0.35 -7.32
CA TYR A 612 -21.02 -0.07 -6.15
C TYR A 612 -21.32 1.42 -6.14
N SER A 613 -20.26 2.21 -6.27
CA SER A 613 -20.40 3.66 -6.23
C SER A 613 -21.23 4.22 -7.38
N LEU A 614 -21.34 3.47 -8.47
CA LEU A 614 -22.15 3.91 -9.60
C LEU A 614 -23.63 3.71 -9.24
N LYS A 615 -23.89 2.63 -8.50
CA LYS A 615 -25.24 2.30 -8.04
C LYS A 615 -25.68 3.43 -7.13
N GLU A 616 -24.81 3.78 -6.19
CA GLU A 616 -25.10 4.82 -5.22
C GLU A 616 -25.30 6.17 -5.86
N ILE A 617 -24.53 6.49 -6.88
CA ILE A 617 -24.68 7.77 -7.56
C ILE A 617 -25.96 7.72 -8.37
N ALA A 618 -26.34 6.54 -8.85
CA ALA A 618 -27.57 6.40 -9.60
C ALA A 618 -28.71 6.75 -8.66
N LYS A 619 -28.69 6.18 -7.45
CA LYS A 619 -29.74 6.47 -6.48
C LYS A 619 -29.88 7.99 -6.32
N VAL A 620 -28.75 8.66 -6.12
CA VAL A 620 -28.74 10.10 -5.93
C VAL A 620 -29.30 10.90 -7.12
N LEU A 621 -29.32 10.30 -8.31
CA LEU A 621 -29.81 11.04 -9.48
C LEU A 621 -31.13 10.49 -10.05
N GLY A 622 -31.91 9.83 -9.21
CA GLY A 622 -33.19 9.31 -9.65
C GLY A 622 -33.20 8.08 -10.55
N ALA A 623 -32.09 7.77 -11.21
CA ALA A 623 -32.05 6.60 -12.09
C ALA A 623 -32.22 5.32 -11.28
N TYR A 624 -33.29 5.23 -10.49
CA TYR A 624 -33.54 4.07 -9.64
C TYR A 624 -33.78 2.76 -10.39
N GLU A 625 -34.17 2.85 -11.65
CA GLU A 625 -34.44 1.65 -12.44
C GLU A 625 -33.23 0.79 -12.84
N ILE A 626 -32.03 1.29 -12.61
CA ILE A 626 -30.85 0.51 -12.95
C ILE A 626 -30.16 0.01 -11.69
N VAL A 627 -30.60 0.53 -10.55
CA VAL A 627 -30.05 0.16 -9.25
C VAL A 627 -29.96 -1.34 -9.03
N ASP A 628 -31.03 -2.08 -9.29
CA ASP A 628 -31.03 -3.53 -9.12
C ASP A 628 -30.00 -4.20 -10.02
N TYR A 629 -29.93 -3.73 -11.25
CA TYR A 629 -29.01 -4.28 -12.24
C TYR A 629 -27.56 -4.12 -11.79
N LEU A 630 -27.20 -2.89 -11.48
CA LEU A 630 -25.85 -2.59 -11.04
C LEU A 630 -25.53 -3.38 -9.78
N GLU A 631 -26.54 -3.58 -8.93
CA GLU A 631 -26.34 -4.35 -7.71
C GLU A 631 -26.01 -5.79 -8.07
N THR A 632 -26.70 -6.35 -9.05
CA THR A 632 -26.41 -7.70 -9.47
C THR A 632 -25.05 -7.73 -10.16
N LEU A 633 -24.67 -6.60 -10.74
CA LEU A 633 -23.38 -6.52 -11.42
C LEU A 633 -22.24 -6.48 -10.39
N ARG A 634 -22.48 -5.79 -9.28
CA ARG A 634 -21.49 -5.66 -8.23
C ARG A 634 -21.08 -7.03 -7.69
N VAL A 635 -22.08 -7.87 -7.46
CA VAL A 635 -21.83 -9.19 -6.91
C VAL A 635 -21.18 -10.12 -7.91
N ARG A 636 -21.51 -9.95 -9.19
CA ARG A 636 -20.91 -10.79 -10.23
C ARG A 636 -19.41 -10.48 -10.30
N VAL A 637 -19.06 -9.19 -10.20
CA VAL A 637 -17.69 -8.71 -10.26
C VAL A 637 -16.85 -9.15 -9.05
N LYS A 638 -17.49 -9.20 -7.88
CA LYS A 638 -16.78 -9.58 -6.67
C LYS A 638 -16.29 -11.02 -6.69
N TYR A 639 -17.04 -11.91 -7.31
CA TYR A 639 -16.67 -13.33 -7.34
C TYR A 639 -16.42 -13.86 -8.76
N GLY A 640 -16.58 -12.99 -9.76
CA GLY A 640 -16.37 -13.40 -11.13
C GLY A 640 -17.26 -14.57 -11.47
N ILE A 641 -18.58 -14.34 -11.40
CA ILE A 641 -19.58 -15.38 -11.63
C ILE A 641 -20.84 -14.94 -12.37
N ARG A 642 -21.57 -15.90 -12.90
CA ARG A 642 -22.84 -15.60 -13.57
C ARG A 642 -23.83 -15.41 -12.43
N GLU A 643 -24.96 -14.78 -12.71
CA GLU A 643 -25.94 -14.50 -11.66
C GLU A 643 -26.46 -15.76 -10.96
N GLU A 644 -26.74 -16.79 -11.76
CA GLU A 644 -27.28 -18.05 -11.23
C GLU A 644 -26.40 -18.77 -10.21
N LEU A 645 -25.37 -18.09 -9.73
CA LEU A 645 -24.47 -18.68 -8.73
C LEU A 645 -24.45 -17.79 -7.53
N ILE A 646 -24.92 -16.56 -7.68
CA ILE A 646 -24.89 -15.65 -6.55
C ILE A 646 -25.46 -16.25 -5.24
N PRO A 647 -26.39 -17.21 -5.33
CA PRO A 647 -26.88 -17.73 -4.05
C PRO A 647 -25.76 -18.53 -3.34
N LEU A 648 -25.27 -19.58 -4.02
CA LEU A 648 -24.19 -20.44 -3.51
C LEU A 648 -22.96 -19.66 -3.10
N MET A 649 -22.99 -18.33 -3.18
CA MET A 649 -21.82 -17.54 -2.79
C MET A 649 -21.75 -17.32 -1.29
N GLN A 650 -22.91 -17.34 -0.64
CA GLN A 650 -22.98 -17.09 0.80
C GLN A 650 -21.91 -17.85 1.59
N LEU A 651 -21.93 -19.18 1.46
CA LEU A 651 -21.02 -20.13 2.11
C LEU A 651 -19.78 -19.52 2.77
N PRO A 652 -19.29 -20.17 3.86
CA PRO A 652 -18.11 -19.70 4.58
C PRO A 652 -16.94 -19.43 3.61
N LEU A 653 -17.01 -20.06 2.44
CA LEU A 653 -16.02 -19.90 1.37
C LEU A 653 -16.22 -20.91 0.25
N VAL A 654 -16.09 -20.42 -0.99
CA VAL A 654 -16.22 -21.24 -2.19
C VAL A 654 -15.80 -20.45 -3.44
N GLY A 655 -16.71 -19.66 -4.01
CA GLY A 655 -16.38 -18.86 -5.17
C GLY A 655 -16.60 -19.55 -6.49
N ARG A 656 -16.25 -18.87 -7.58
CA ARG A 656 -16.39 -19.40 -8.94
C ARG A 656 -15.90 -20.82 -8.94
N ARG A 657 -14.94 -21.05 -8.04
CA ARG A 657 -14.29 -22.34 -7.82
C ARG A 657 -15.28 -23.51 -7.84
N ARG A 658 -15.61 -23.99 -6.65
CA ARG A 658 -16.55 -25.10 -6.48
C ARG A 658 -17.99 -24.72 -6.87
N ALA A 659 -18.41 -23.55 -6.42
CA ALA A 659 -19.74 -23.06 -6.69
C ALA A 659 -20.22 -23.48 -8.06
N ARG A 660 -19.51 -23.04 -9.09
CA ARG A 660 -19.90 -23.37 -10.45
C ARG A 660 -20.15 -24.87 -10.62
N ALA A 661 -19.25 -25.68 -10.08
CA ALA A 661 -19.39 -27.14 -10.19
C ALA A 661 -20.59 -27.57 -9.37
N LEU A 662 -20.68 -27.06 -8.13
CA LEU A 662 -21.82 -27.41 -7.30
C LEU A 662 -23.08 -27.26 -8.13
N TYR A 663 -23.33 -26.03 -8.58
CA TYR A 663 -24.51 -25.69 -9.38
C TYR A 663 -24.74 -26.72 -10.46
N ASN A 664 -23.74 -27.57 -10.68
CA ASN A 664 -23.87 -28.59 -11.70
C ASN A 664 -23.84 -29.99 -11.12
S SO4 B . 21.80 -4.07 -16.51
O1 SO4 B . 20.34 -4.34 -15.87
O2 SO4 B . 21.57 -3.02 -17.49
O3 SO4 B . 22.68 -3.79 -15.61
O4 SO4 B . 22.05 -5.29 -17.23
S SO4 C . 7.63 -5.43 -16.17
O1 SO4 C . 8.29 -5.27 -17.68
O2 SO4 C . 7.91 -4.15 -15.51
O3 SO4 C . 6.33 -5.70 -16.26
O4 SO4 C . 8.46 -6.48 -15.59
S SO4 D . -21.70 -9.15 -0.51
O1 SO4 D . -21.81 -9.81 0.99
O2 SO4 D . -21.82 -7.70 -0.29
O3 SO4 D . -20.55 -9.51 -1.06
O4 SO4 D . -22.90 -9.67 -1.17
S SO4 E . -23.52 7.09 6.74
O1 SO4 E . -24.98 7.82 6.79
O2 SO4 E . -22.64 7.95 7.53
O3 SO4 E . -23.62 5.85 7.22
O4 SO4 E . -23.16 7.17 5.33
S SO4 F . 5.49 -4.35 -8.80
O1 SO4 F . 4.45 -3.10 -8.78
O2 SO4 F . 4.94 -5.29 -9.75
O3 SO4 F . 6.69 -3.93 -9.12
O4 SO4 F . 5.38 -4.88 -7.45
#